data_7RLZ
#
_entry.id   7RLZ
#
_cell.length_a   93.360
_cell.length_b   60.490
_cell.length_c   159.060
_cell.angle_alpha   90.000
_cell.angle_beta   101.219
_cell.angle_gamma   90.000
#
_symmetry.space_group_name_H-M   'C 1 2 1'
#
loop_
_entity.id
_entity.type
_entity.pdbx_description
1 polymer 'peptide from Circumsporozoite protein variant VK210'
2 polymer '2F2 Fab light chain'
3 polymer '2F2 Fab heavy chain'
4 water water
#
loop_
_entity_poly.entity_id
_entity_poly.type
_entity_poly.pdbx_seq_one_letter_code
_entity_poly.pdbx_strand_id
1 'polypeptide(L)' GDRAAGQPAGNGAGGQAA P,R
2 'polypeptide(L)'
;NSDIVMTQTPLSLSVTIGQPASISCKSSQSLLHSNGKTYLNWLQQRPGQAPKILMYLVSKLDPGIPDRFSGSGSETDFTL
KISRVEAEDLGVYYCLQGTYYPFTFGSGTKLEIKRTVAAPSVFIFPPSDEQLKSGTASVVCLLNNFYPREAKVQWKVDNA
LQSGNSQESVTEQDSKDSTYSLSSTLTLSKADYEKHKVYACEVTHQGLSSPVTKSFNRGEC
;
B,C
3 'polypeptide(L)'
;NSQLQQSGPELVKPGASVKISCKASGYSFTGYYMHWVKQSHVKSLEWIGRIDPYDGATSYNQNFKDKASLTVDKSSTTGF
MELHSLTSEDSAVYYCAREGHWDGDWYFDVWGAGTTVTVSSASTKGPSVFPLAPSSKSTSGGTAALGCLVKDYFPEPVTV
SWNSGALTSGVHTFPAVLQSSGLYSLSSVVTVPSSSLGTQTYICNVNHKPSNTKVDKKVEPKSC
;
A,D
#
# COMPACT_ATOMS: atom_id res chain seq x y z
N ASP A 2 -0.16 -9.56 3.82
CA ASP A 2 -1.18 -8.87 4.61
C ASP A 2 -0.65 -8.45 5.98
N ARG A 3 0.34 -9.19 6.47
CA ARG A 3 0.87 -8.96 7.81
C ARG A 3 2.00 -7.94 7.76
N ALA A 4 2.28 -7.36 8.93
CA ALA A 4 3.35 -6.39 9.05
C ALA A 4 4.70 -7.09 9.20
N ALA A 5 5.70 -6.55 8.51
CA ALA A 5 7.10 -6.93 8.70
C ALA A 5 7.88 -5.67 8.98
N GLY A 6 9.15 -5.83 9.36
CA GLY A 6 9.96 -4.67 9.69
C GLY A 6 11.42 -5.04 9.85
N GLN A 7 12.23 -4.00 10.06
CA GLN A 7 13.65 -4.21 10.25
C GLN A 7 13.90 -5.07 11.49
N PRO A 8 14.90 -5.94 11.47
CA PRO A 8 15.05 -6.94 12.55
C PRO A 8 15.22 -6.37 13.94
N ALA A 9 15.69 -5.13 14.08
CA ALA A 9 15.92 -4.56 15.41
C ALA A 9 14.63 -4.42 16.21
N GLY A 10 13.46 -4.55 15.58
CA GLY A 10 12.21 -4.55 16.31
C GLY A 10 12.07 -5.76 17.22
N ASN A 11 12.72 -6.87 16.85
CA ASN A 11 12.78 -8.16 17.56
C ASN A 11 11.63 -9.06 17.11
N ASP B 3 23.59 -3.49 23.40
CA ASP B 3 23.04 -2.50 22.47
C ASP B 3 24.13 -1.97 21.56
N ILE B 4 23.82 -1.85 20.25
CA ILE B 4 24.78 -1.34 19.30
C ILE B 4 25.00 0.15 19.54
N VAL B 5 26.27 0.56 19.62
CA VAL B 5 26.64 1.95 19.86
C VAL B 5 26.93 2.59 18.50
N MET B 6 26.23 3.68 18.20
CA MET B 6 26.35 4.39 16.93
C MET B 6 26.99 5.75 17.17
N THR B 7 28.16 5.96 16.57
CA THR B 7 28.94 7.18 16.76
C THR B 7 28.95 7.98 15.46
N GLN B 8 28.60 9.27 15.57
CA GLN B 8 28.55 10.18 14.44
C GLN B 8 29.65 11.22 14.55
N THR B 9 30.25 11.56 13.41
CA THR B 9 31.23 12.62 13.29
C THR B 9 30.94 13.37 12.00
N PRO B 10 31.05 14.71 11.99
CA PRO B 10 31.37 15.58 13.12
C PRO B 10 30.17 15.82 14.01
N LEU B 11 30.35 16.55 15.11
CA LEU B 11 29.20 16.93 15.95
C LEU B 11 28.35 17.99 15.26
N SER B 12 29.01 19.01 14.71
CA SER B 12 28.32 20.07 14.00
C SER B 12 29.11 20.41 12.75
N LEU B 13 28.40 20.91 11.74
CA LEU B 13 28.96 21.15 10.43
C LEU B 13 28.31 22.40 9.86
N SER B 14 29.10 23.22 9.18
CA SER B 14 28.63 24.47 8.61
C SER B 14 29.05 24.51 7.14
N VAL B 15 28.06 24.51 6.25
CA VAL B 15 28.28 24.35 4.82
C VAL B 15 27.59 25.47 4.05
N THR B 16 28.29 26.03 3.07
CA THR B 16 27.72 27.03 2.19
C THR B 16 26.72 26.39 1.22
N ILE B 17 25.68 27.15 0.86
CA ILE B 17 24.72 26.69 -0.14
C ILE B 17 25.46 26.38 -1.42
N GLY B 18 25.16 25.22 -2.02
CA GLY B 18 25.78 24.81 -3.25
C GLY B 18 27.09 24.05 -3.10
N GLN B 19 27.57 23.88 -1.88
CA GLN B 19 28.81 23.16 -1.62
C GLN B 19 28.52 21.76 -1.07
N PRO B 20 29.44 20.82 -1.24
CA PRO B 20 29.20 19.46 -0.76
C PRO B 20 29.24 19.38 0.76
N ALA B 21 28.53 18.38 1.30
CA ALA B 21 28.56 18.07 2.72
C ALA B 21 28.74 16.57 2.90
N SER B 22 29.41 16.20 4.00
CA SER B 22 29.72 14.81 4.30
C SER B 22 29.56 14.55 5.79
N ILE B 23 28.87 13.47 6.14
CA ILE B 23 28.63 13.07 7.52
C ILE B 23 28.92 11.59 7.65
N SER B 24 29.56 11.19 8.74
CA SER B 24 29.94 9.79 8.92
C SER B 24 29.28 9.18 10.15
N CYS B 25 29.08 7.87 10.10
CA CYS B 25 28.48 7.09 11.16
C CYS B 25 29.28 5.81 11.33
N LYS B 26 29.52 5.41 12.59
CA LYS B 26 30.26 4.20 12.90
C LYS B 26 29.47 3.35 13.88
N SER B 27 29.37 2.06 13.59
CA SER B 27 28.67 1.12 14.46
C SER B 27 29.69 0.26 15.19
N SER B 28 29.39 -0.08 16.44
CA SER B 28 30.30 -0.90 17.24
C SER B 28 30.37 -2.35 16.76
N GLN B 29 29.42 -2.79 15.92
CA GLN B 29 29.46 -4.14 15.35
CA GLN B 29 29.46 -4.14 15.35
C GLN B 29 28.97 -4.08 13.91
N SER B 30 29.22 -5.15 13.17
CA SER B 30 28.81 -5.24 11.78
C SER B 30 27.29 -5.29 11.67
N LEU B 31 26.74 -4.44 10.79
CA LEU B 31 25.30 -4.35 10.61
C LEU B 31 24.79 -5.24 9.49
N LEU B 32 25.64 -6.08 8.90
CA LEU B 32 25.19 -7.03 7.91
C LEU B 32 24.41 -8.15 8.60
N HIS B 33 23.16 -8.35 8.18
CA HIS B 33 22.29 -9.35 8.77
C HIS B 33 22.42 -10.67 8.01
N SER B 34 21.83 -11.73 8.58
CA SER B 34 21.94 -13.05 7.97
C SER B 34 21.34 -13.07 6.56
N ASN B 35 20.27 -12.32 6.33
CA ASN B 35 19.63 -12.30 5.02
C ASN B 35 20.43 -11.52 3.98
N GLY B 36 21.52 -10.86 4.37
CA GLY B 36 22.34 -10.12 3.44
C GLY B 36 22.02 -8.64 3.34
N LYS B 37 21.11 -8.14 4.17
CA LYS B 37 20.74 -6.73 4.16
C LYS B 37 21.48 -6.01 5.28
N THR B 38 21.96 -4.80 4.98
CA THR B 38 22.59 -3.94 5.97
C THR B 38 21.60 -2.84 6.36
N TYR B 39 21.00 -3.00 7.54
CA TYR B 39 19.91 -2.12 7.97
C TYR B 39 20.51 -0.88 8.63
N LEU B 40 20.91 0.07 7.79
CA LEU B 40 21.39 1.36 8.25
C LEU B 40 20.55 2.45 7.61
N ASN B 41 19.99 3.31 8.43
CA ASN B 41 19.11 4.38 8.00
C ASN B 41 19.73 5.72 8.34
N TRP B 42 19.46 6.72 7.50
CA TRP B 42 19.80 8.10 7.80
C TRP B 42 18.51 8.89 7.96
N LEU B 43 18.45 9.72 8.99
CA LEU B 43 17.30 10.56 9.26
C LEU B 43 17.72 12.02 9.32
N GLN B 44 16.83 12.90 8.92
CA GLN B 44 16.99 14.33 9.10
C GLN B 44 15.85 14.84 9.98
N GLN B 45 16.18 15.69 10.95
CA GLN B 45 15.17 16.30 11.79
C GLN B 45 15.34 17.81 11.72
N ARG B 46 14.40 18.49 11.06
CA ARG B 46 14.42 19.94 11.04
C ARG B 46 13.89 20.48 12.37
N PRO B 47 14.34 21.67 12.77
CA PRO B 47 13.92 22.21 14.07
C PRO B 47 12.40 22.27 14.20
N GLY B 48 11.90 21.74 15.31
CA GLY B 48 10.47 21.75 15.59
C GLY B 48 9.66 20.74 14.81
N GLN B 49 10.30 19.74 14.21
CA GLN B 49 9.59 18.76 13.40
C GLN B 49 10.06 17.36 13.76
N ALA B 50 9.27 16.38 13.35
CA ALA B 50 9.63 14.98 13.59
C ALA B 50 10.80 14.57 12.71
N PRO B 51 11.51 13.52 13.09
CA PRO B 51 12.52 12.95 12.19
C PRO B 51 11.90 12.48 10.90
N LYS B 52 12.74 12.39 9.87
CA LYS B 52 12.36 12.03 8.52
C LYS B 52 13.42 11.10 7.96
N ILE B 53 13.02 9.91 7.51
CA ILE B 53 13.97 8.99 6.90
C ILE B 53 14.39 9.53 5.55
N LEU B 54 15.69 9.69 5.35
CA LEU B 54 16.23 10.09 4.05
C LEU B 54 16.64 8.86 3.25
N MET B 55 17.34 7.94 3.90
CA MET B 55 17.89 6.76 3.25
C MET B 55 17.77 5.57 4.17
N TYR B 56 17.61 4.40 3.56
CA TYR B 56 17.57 3.12 4.25
C TYR B 56 18.48 2.17 3.51
N LEU B 57 18.88 1.09 4.18
CA LEU B 57 19.77 0.08 3.61
C LEU B 57 21.03 0.75 3.04
N VAL B 58 21.63 1.62 3.84
CA VAL B 58 22.90 2.28 3.52
C VAL B 58 22.74 3.28 2.38
N SER B 59 22.18 2.84 1.25
CA SER B 59 22.31 3.56 -0.01
C SER B 59 21.00 3.90 -0.71
N LYS B 60 19.85 3.49 -0.20
CA LYS B 60 18.60 3.62 -0.93
C LYS B 60 17.85 4.86 -0.47
N LEU B 61 17.49 5.72 -1.43
CA LEU B 61 16.77 6.95 -1.13
C LEU B 61 15.27 6.69 -1.02
N ASP B 62 14.64 7.40 -0.09
CA ASP B 62 13.19 7.47 -0.06
C ASP B 62 12.70 8.23 -1.29
N PRO B 63 11.58 7.82 -1.89
CA PRO B 63 11.18 8.40 -3.19
C PRO B 63 11.00 9.91 -3.17
N GLY B 64 10.66 10.51 -2.05
CA GLY B 64 10.50 11.95 -1.99
C GLY B 64 11.74 12.74 -1.65
N ILE B 65 12.90 12.11 -1.60
CA ILE B 65 14.14 12.76 -1.22
C ILE B 65 14.91 13.13 -2.48
N PRO B 66 15.43 14.36 -2.60
CA PRO B 66 16.13 14.74 -3.83
C PRO B 66 17.43 13.98 -4.01
N ASP B 67 17.83 13.81 -5.27
CA ASP B 67 18.98 12.99 -5.61
C ASP B 67 20.31 13.62 -5.22
N ARG B 68 20.34 14.85 -4.71
CA ARG B 68 21.59 15.40 -4.21
C ARG B 68 22.04 14.67 -2.95
N PHE B 69 21.14 13.98 -2.26
CA PHE B 69 21.50 13.10 -1.16
C PHE B 69 21.97 11.76 -1.70
N SER B 70 23.00 11.21 -1.08
CA SER B 70 23.47 9.87 -1.41
C SER B 70 24.10 9.24 -0.17
N GLY B 71 24.19 7.92 -0.20
CA GLY B 71 24.72 7.18 0.93
C GLY B 71 25.70 6.11 0.48
N SER B 72 26.76 5.94 1.26
CA SER B 72 27.75 4.91 1.01
C SER B 72 28.16 4.30 2.35
N GLY B 73 28.74 3.12 2.30
CA GLY B 73 29.21 2.54 3.55
C GLY B 73 29.66 1.10 3.37
N SER B 74 30.31 0.61 4.43
CA SER B 74 30.65 -0.79 4.56
C SER B 74 29.65 -1.47 5.47
N GLU B 75 30.12 -2.34 6.37
CA GLU B 75 29.26 -2.95 7.37
C GLU B 75 29.30 -2.23 8.71
N THR B 76 30.29 -1.37 8.94
CA THR B 76 30.44 -0.66 10.21
C THR B 76 30.66 0.83 10.07
N ASP B 77 31.04 1.32 8.89
CA ASP B 77 31.36 2.73 8.69
C ASP B 77 30.51 3.24 7.52
N PHE B 78 29.82 4.36 7.72
CA PHE B 78 28.84 4.83 6.75
C PHE B 78 28.99 6.32 6.55
N THR B 79 28.61 6.79 5.37
CA THR B 79 28.69 8.21 5.05
C THR B 79 27.42 8.64 4.34
N LEU B 80 26.86 9.78 4.77
CA LEU B 80 25.79 10.46 4.07
C LEU B 80 26.38 11.69 3.38
N LYS B 81 26.10 11.83 2.08
CA LYS B 81 26.66 12.92 1.30
C LYS B 81 25.54 13.73 0.65
N ILE B 82 25.68 15.06 0.72
CA ILE B 82 24.85 16.01 -0.01
C ILE B 82 25.75 16.65 -1.07
N SER B 83 25.41 16.42 -2.34
CA SER B 83 26.28 16.93 -3.41
C SER B 83 26.31 18.45 -3.43
N ARG B 84 25.15 19.09 -3.29
CA ARG B 84 25.06 20.55 -3.23
C ARG B 84 24.04 20.91 -2.16
N VAL B 85 24.50 21.53 -1.07
CA VAL B 85 23.61 21.84 0.04
C VAL B 85 22.66 22.96 -0.33
N GLU B 86 21.39 22.81 0.05
CA GLU B 86 20.37 23.83 -0.13
C GLU B 86 19.83 24.26 1.23
N ALA B 87 19.04 25.34 1.23
CA ALA B 87 18.58 25.95 2.48
C ALA B 87 17.74 24.98 3.30
N GLU B 88 16.94 24.13 2.65
CA GLU B 88 16.07 23.21 3.38
C GLU B 88 16.84 22.06 4.04
N ASP B 89 18.15 21.94 3.82
CA ASP B 89 18.93 20.83 4.36
C ASP B 89 19.43 21.07 5.78
N LEU B 90 19.10 22.20 6.40
CA LEU B 90 19.51 22.42 7.78
C LEU B 90 18.84 21.40 8.69
N GLY B 91 19.42 21.22 9.87
CA GLY B 91 18.85 20.38 10.88
C GLY B 91 19.90 19.48 11.50
N VAL B 92 19.41 18.42 12.15
CA VAL B 92 20.24 17.42 12.81
C VAL B 92 20.01 16.10 12.09
N TYR B 93 21.10 15.43 11.73
CA TYR B 93 21.07 14.16 11.03
C TYR B 93 21.46 13.04 11.97
N TYR B 94 20.68 11.97 11.96
CA TYR B 94 20.94 10.79 12.78
C TYR B 94 21.08 9.57 11.89
N CYS B 95 21.97 8.67 12.28
CA CYS B 95 21.95 7.31 11.75
C CYS B 95 21.20 6.42 12.71
N LEU B 96 20.48 5.44 12.17
CA LEU B 96 19.70 4.50 12.95
C LEU B 96 19.98 3.11 12.45
N GLN B 97 20.43 2.23 13.34
CA GLN B 97 20.69 0.84 12.96
C GLN B 97 19.46 0.00 13.25
N GLY B 98 19.11 -0.87 12.30
CA GLY B 98 17.94 -1.70 12.40
C GLY B 98 18.24 -3.19 12.32
N THR B 99 19.51 -3.56 12.48
CA THR B 99 19.91 -4.96 12.38
C THR B 99 19.77 -5.70 13.70
N TYR B 100 20.22 -5.09 14.80
CA TYR B 100 20.25 -5.73 16.10
C TYR B 100 19.26 -5.08 17.05
N TYR B 101 18.50 -5.91 17.76
CA TYR B 101 17.56 -5.42 18.75
C TYR B 101 18.30 -4.90 19.97
N PRO B 102 17.94 -3.73 20.50
CA PRO B 102 16.92 -2.83 19.97
C PRO B 102 17.46 -1.83 18.95
N PHE B 103 16.56 -1.17 18.21
CA PHE B 103 16.94 0.00 17.42
C PHE B 103 17.74 0.97 18.27
N THR B 104 18.83 1.49 17.71
CA THR B 104 19.60 2.53 18.39
C THR B 104 19.94 3.63 17.40
N PHE B 105 19.77 4.88 17.85
CA PHE B 105 20.12 6.04 17.05
C PHE B 105 21.53 6.50 17.36
N GLY B 106 22.09 7.27 16.43
CA GLY B 106 23.37 7.91 16.63
C GLY B 106 23.28 9.16 17.48
N SER B 107 24.46 9.76 17.71
CA SER B 107 24.56 10.97 18.51
C SER B 107 23.87 12.15 17.84
N GLY B 108 23.86 12.19 16.52
CA GLY B 108 23.28 13.30 15.79
C GLY B 108 24.34 14.26 15.33
N THR B 109 24.19 14.78 14.11
CA THR B 109 25.13 15.76 13.55
C THR B 109 24.35 17.00 13.12
N LYS B 110 24.73 18.15 13.68
CA LYS B 110 24.07 19.41 13.36
C LYS B 110 24.66 20.02 12.10
N LEU B 111 23.81 20.33 11.13
CA LEU B 111 24.23 21.01 9.90
C LEU B 111 23.68 22.42 9.89
N GLU B 112 24.57 23.40 9.92
CA GLU B 112 24.24 24.81 9.73
C GLU B 112 24.54 25.22 8.30
N ILE B 113 23.69 26.08 7.74
CA ILE B 113 23.85 26.57 6.39
C ILE B 113 24.59 27.90 6.44
N LYS B 114 25.72 28.00 5.73
CA LYS B 114 26.44 29.26 5.58
C LYS B 114 25.89 30.05 4.40
N ARG B 115 25.78 31.37 4.59
CA ARG B 115 25.32 32.27 3.53
C ARG B 115 26.07 33.59 3.64
N THR B 116 25.74 34.52 2.75
CA THR B 116 26.35 35.84 2.78
C THR B 116 25.84 36.65 3.98
N VAL B 117 26.68 37.59 4.43
CA VAL B 117 26.30 38.45 5.54
C VAL B 117 25.03 39.21 5.19
N ALA B 118 24.11 39.27 6.17
CA ALA B 118 22.86 40.01 6.03
C ALA B 118 22.66 40.81 7.31
N ALA B 119 22.48 42.12 7.15
CA ALA B 119 22.31 42.99 8.29
C ALA B 119 20.90 42.86 8.85
N PRO B 120 20.74 43.01 10.17
CA PRO B 120 19.40 42.92 10.76
C PRO B 120 18.61 44.20 10.56
N SER B 121 17.32 44.05 10.31
CA SER B 121 16.39 45.16 10.49
C SER B 121 16.04 45.22 11.97
N VAL B 122 16.16 46.39 12.58
CA VAL B 122 16.04 46.55 14.02
C VAL B 122 14.73 47.26 14.34
N PHE B 123 13.96 46.70 15.27
CA PHE B 123 12.70 47.27 15.72
C PHE B 123 12.64 47.24 17.24
N ILE B 124 11.94 48.22 17.81
CA ILE B 124 11.72 48.27 19.25
C ILE B 124 10.22 48.42 19.50
N PHE B 125 9.73 47.79 20.57
CA PHE B 125 8.31 47.81 20.91
C PHE B 125 8.17 48.26 22.36
N PRO B 126 7.53 49.40 22.62
CA PRO B 126 7.29 49.82 24.01
C PRO B 126 6.33 48.88 24.69
N PRO B 127 6.26 48.91 26.03
CA PRO B 127 5.29 48.06 26.73
C PRO B 127 3.86 48.50 26.45
N SER B 128 2.97 47.51 26.38
CA SER B 128 1.57 47.79 26.12
C SER B 128 0.90 48.38 27.36
N ASP B 129 -0.14 49.19 27.12
CA ASP B 129 -0.92 49.75 28.23
C ASP B 129 -1.54 48.64 29.06
N GLU B 130 -1.95 47.55 28.42
CA GLU B 130 -2.54 46.41 29.13
C GLU B 130 -1.57 45.84 30.16
N GLN B 131 -0.30 45.67 29.78
CA GLN B 131 0.68 45.13 30.72
C GLN B 131 1.02 46.13 31.81
N LEU B 132 1.07 47.42 31.47
CA LEU B 132 1.43 48.42 32.47
C LEU B 132 0.44 48.45 33.62
N LYS B 133 -0.84 48.23 33.33
CA LYS B 133 -1.84 48.17 34.38
C LYS B 133 -1.61 46.98 35.30
N SER B 134 -1.01 45.91 34.79
CA SER B 134 -0.72 44.72 35.59
C SER B 134 0.54 44.87 36.43
N GLY B 135 1.28 45.97 36.28
CA GLY B 135 2.41 46.27 37.14
C GLY B 135 3.78 45.95 36.59
N THR B 136 3.88 45.41 35.38
CA THR B 136 5.17 45.06 34.81
C THR B 136 5.30 45.73 33.45
N ALA B 137 6.55 45.97 33.04
CA ALA B 137 6.85 46.61 31.77
C ALA B 137 7.90 45.79 31.05
N SER B 138 7.52 45.23 29.91
CA SER B 138 8.42 44.48 29.04
C SER B 138 8.68 45.29 27.79
N VAL B 139 9.95 45.56 27.51
CA VAL B 139 10.38 46.28 26.31
C VAL B 139 11.10 45.28 25.43
N VAL B 140 10.72 45.23 24.14
CA VAL B 140 11.22 44.22 23.22
C VAL B 140 11.99 44.90 22.10
N CYS B 141 13.20 44.39 21.85
CA CYS B 141 14.04 44.81 20.73
C CYS B 141 14.14 43.63 19.77
N LEU B 142 13.81 43.87 18.50
CA LEU B 142 13.75 42.82 17.49
C LEU B 142 14.83 43.01 16.43
N LEU B 143 15.60 41.95 16.19
CA LEU B 143 16.59 41.90 15.11
C LEU B 143 16.12 40.87 14.10
N ASN B 144 15.82 41.30 12.89
CA ASN B 144 15.11 40.48 11.93
C ASN B 144 16.00 40.11 10.75
N ASN B 145 16.00 38.83 10.39
CA ASN B 145 16.59 38.31 9.16
C ASN B 145 18.05 38.76 9.02
N PHE B 146 18.89 38.23 9.91
CA PHE B 146 20.31 38.56 9.84
C PHE B 146 21.14 37.30 9.73
N TYR B 147 22.40 37.49 9.34
CA TYR B 147 23.41 36.46 9.27
C TYR B 147 24.75 37.16 9.30
N PRO B 148 25.75 36.63 10.03
CA PRO B 148 25.72 35.41 10.85
C PRO B 148 24.98 35.57 12.16
N ARG B 149 25.00 34.49 12.95
CA ARG B 149 24.18 34.40 14.16
C ARG B 149 24.68 35.34 15.25
N GLU B 150 25.98 35.62 15.29
CA GLU B 150 26.51 36.45 16.37
C GLU B 150 25.99 37.87 16.26
N ALA B 151 25.43 38.38 17.35
CA ALA B 151 24.97 39.75 17.42
C ALA B 151 25.01 40.18 18.86
N LYS B 152 25.20 41.48 19.08
CA LYS B 152 25.24 42.02 20.42
C LYS B 152 24.16 43.08 20.56
N VAL B 153 23.36 42.97 21.60
CA VAL B 153 22.24 43.87 21.86
C VAL B 153 22.41 44.38 23.29
N GLN B 154 22.54 45.69 23.44
CA GLN B 154 22.67 46.29 24.75
C GLN B 154 21.51 47.24 24.99
N TRP B 155 20.97 47.19 26.21
CA TRP B 155 19.89 48.08 26.60
C TRP B 155 20.44 49.29 27.31
N LYS B 156 19.90 50.45 26.99
CA LYS B 156 20.28 51.69 27.63
C LYS B 156 19.01 52.39 28.10
N VAL B 157 19.02 52.82 29.35
CA VAL B 157 17.90 53.50 29.97
C VAL B 157 18.44 54.82 30.50
N ASP B 158 17.97 55.93 29.93
CA ASP B 158 18.53 57.26 30.17
C ASP B 158 20.04 57.27 29.90
N ASN B 159 20.44 56.61 28.81
CA ASN B 159 21.82 56.47 28.35
C ASN B 159 22.71 55.74 29.37
N ALA B 160 22.11 54.98 30.28
CA ALA B 160 22.85 54.18 31.24
C ALA B 160 22.76 52.72 30.81
N LEU B 161 23.91 52.07 30.68
CA LEU B 161 23.94 50.69 30.24
C LEU B 161 23.26 49.78 31.27
N GLN B 162 22.48 48.82 30.78
CA GLN B 162 21.71 47.93 31.61
C GLN B 162 22.35 46.54 31.64
N SER B 163 22.25 45.89 32.80
CA SER B 163 22.60 44.48 32.92
C SER B 163 21.74 43.84 33.99
N GLY B 164 21.34 42.59 33.74
CA GLY B 164 20.61 41.81 34.73
C GLY B 164 19.11 41.85 34.63
N ASN B 165 18.54 42.51 33.61
CA ASN B 165 17.10 42.66 33.50
C ASN B 165 16.59 42.35 32.10
N SER B 166 17.37 41.67 31.28
CA SER B 166 16.96 41.32 29.93
C SER B 166 17.23 39.86 29.64
N GLN B 167 16.45 39.30 28.72
CA GLN B 167 16.64 37.95 28.21
C GLN B 167 16.50 37.97 26.70
N GLU B 168 17.27 37.14 26.02
CA GLU B 168 17.21 37.12 24.57
C GLU B 168 16.90 35.72 24.07
N SER B 169 16.37 35.65 22.86
CA SER B 169 16.03 34.38 22.24
C SER B 169 16.24 34.52 20.74
N VAL B 170 16.88 33.50 20.14
CA VAL B 170 17.18 33.48 18.72
C VAL B 170 16.33 32.40 18.06
N THR B 171 15.83 32.69 16.86
CA THR B 171 15.07 31.69 16.13
C THR B 171 16.01 30.61 15.62
N GLU B 172 15.42 29.50 15.19
CA GLU B 172 16.19 28.56 14.38
C GLU B 172 16.52 29.20 13.04
N GLN B 173 17.52 28.64 12.37
CA GLN B 173 17.88 29.16 11.06
C GLN B 173 16.70 28.98 10.10
N ASP B 174 16.40 30.03 9.35
CA ASP B 174 15.28 30.00 8.42
C ASP B 174 15.54 29.00 7.30
N SER B 175 14.52 28.20 6.98
CA SER B 175 14.71 27.14 6.01
C SER B 175 14.71 27.63 4.58
N LYS B 176 14.42 28.91 4.34
CA LYS B 176 14.37 29.46 2.99
C LYS B 176 15.52 30.41 2.68
N ASP B 177 15.78 31.38 3.55
CA ASP B 177 16.85 32.35 3.33
C ASP B 177 18.03 32.20 4.28
N SER B 178 18.02 31.17 5.14
CA SER B 178 19.14 30.81 6.01
C SER B 178 19.53 31.94 6.98
N THR B 179 18.60 32.84 7.29
CA THR B 179 18.87 33.91 8.23
C THR B 179 18.38 33.53 9.62
N TYR B 180 18.67 34.40 10.58
CA TYR B 180 18.22 34.27 11.95
C TYR B 180 17.44 35.51 12.35
N SER B 181 16.67 35.37 13.42
CA SER B 181 16.05 36.52 14.06
C SER B 181 16.29 36.43 15.55
N LEU B 182 16.38 37.59 16.20
CA LEU B 182 16.70 37.67 17.61
C LEU B 182 15.78 38.69 18.26
N SER B 183 15.36 38.38 19.48
CA SER B 183 14.60 39.31 20.31
C SER B 183 15.30 39.45 21.64
N SER B 184 15.40 40.69 22.13
CA SER B 184 15.88 40.96 23.48
C SER B 184 14.75 41.63 24.24
N THR B 185 14.40 41.07 25.40
CA THR B 185 13.26 41.53 26.18
C THR B 185 13.78 42.13 27.48
N LEU B 186 13.59 43.43 27.65
CA LEU B 186 13.92 44.13 28.88
C LEU B 186 12.66 44.17 29.76
N THR B 187 12.78 43.64 30.97
CA THR B 187 11.62 43.52 31.86
C THR B 187 11.85 44.31 33.13
N LEU B 188 10.91 45.21 33.44
CA LEU B 188 10.98 46.05 34.62
C LEU B 188 9.63 46.06 35.32
N SER B 189 9.65 46.47 36.58
CA SER B 189 8.41 46.74 37.27
C SER B 189 7.85 48.06 36.78
N LYS B 190 6.55 48.26 36.98
CA LYS B 190 5.92 49.51 36.59
C LYS B 190 6.57 50.68 37.32
N ALA B 191 6.95 50.48 38.59
CA ALA B 191 7.60 51.52 39.36
C ALA B 191 8.95 51.92 38.75
N ASP B 192 9.82 50.94 38.52
CA ASP B 192 11.13 51.25 37.95
C ASP B 192 11.00 51.80 36.53
N TYR B 193 10.03 51.30 35.76
CA TYR B 193 9.83 51.80 34.41
C TYR B 193 9.49 53.29 34.43
N GLU B 194 8.71 53.72 35.42
CA GLU B 194 8.31 55.12 35.55
C GLU B 194 9.41 56.02 36.11
N LYS B 195 10.54 55.46 36.55
CA LYS B 195 11.63 56.30 37.03
C LYS B 195 12.39 56.96 35.90
N HIS B 196 12.33 56.41 34.69
CA HIS B 196 13.15 56.86 33.57
C HIS B 196 12.29 57.23 32.37
N LYS B 197 12.92 57.89 31.40
CA LYS B 197 12.22 58.42 30.24
C LYS B 197 12.63 57.77 28.93
N VAL B 198 13.93 57.68 28.64
CA VAL B 198 14.41 57.20 27.34
C VAL B 198 14.81 55.74 27.46
N TYR B 199 14.25 54.91 26.58
CA TYR B 199 14.55 53.49 26.53
C TYR B 199 15.09 53.17 25.14
N ALA B 200 16.23 52.48 25.09
CA ALA B 200 16.92 52.26 23.83
C ALA B 200 17.63 50.91 23.85
N CYS B 201 17.67 50.26 22.69
CA CYS B 201 18.51 49.09 22.48
C CYS B 201 19.53 49.42 21.40
N GLU B 202 20.79 49.08 21.66
CA GLU B 202 21.89 49.34 20.76
C GLU B 202 22.35 48.01 20.19
N VAL B 203 22.38 47.90 18.86
CA VAL B 203 22.62 46.64 18.16
C VAL B 203 23.94 46.74 17.41
N THR B 204 24.83 45.80 17.66
CA THR B 204 26.09 45.70 16.92
C THR B 204 26.11 44.35 16.20
N HIS B 205 26.36 44.39 14.90
CA HIS B 205 26.38 43.18 14.10
C HIS B 205 27.35 43.36 12.93
N GLN B 206 27.86 42.23 12.46
CA GLN B 206 28.86 42.21 11.40
C GLN B 206 28.37 42.92 10.14
N GLY B 207 27.07 42.81 9.85
CA GLY B 207 26.48 43.46 8.68
C GLY B 207 26.19 44.94 8.83
N LEU B 208 26.37 45.50 10.02
CA LEU B 208 26.15 46.93 10.25
C LEU B 208 27.50 47.63 10.34
N SER B 209 27.62 48.76 9.65
CA SER B 209 28.88 49.49 9.67
C SER B 209 29.08 50.25 10.97
N SER B 210 28.00 50.73 11.57
CA SER B 210 28.01 51.32 12.90
C SER B 210 26.85 50.74 13.69
N PRO B 211 26.94 50.75 15.02
CA PRO B 211 25.82 50.24 15.83
C PRO B 211 24.55 51.02 15.55
N VAL B 212 23.41 50.32 15.60
CA VAL B 212 22.11 50.90 15.33
C VAL B 212 21.37 51.06 16.66
N THR B 213 20.76 52.22 16.85
CA THR B 213 20.06 52.57 18.08
C THR B 213 18.60 52.82 17.76
N LYS B 214 17.71 52.09 18.43
CA LYS B 214 16.27 52.34 18.37
C LYS B 214 15.84 52.75 19.77
N SER B 215 15.24 53.93 19.88
CA SER B 215 14.88 54.47 21.18
C SER B 215 13.47 55.03 21.13
N PHE B 216 12.86 55.13 22.31
CA PHE B 216 11.58 55.81 22.46
C PHE B 216 11.54 56.49 23.83
N ASN B 217 10.65 57.47 23.94
CA ASN B 217 10.41 58.16 25.20
C ASN B 217 9.13 57.62 25.82
N ARG B 218 9.19 57.31 27.12
CA ARG B 218 8.02 56.79 27.80
C ARG B 218 6.88 57.80 27.75
N GLY B 219 5.75 57.38 27.17
CA GLY B 219 4.58 58.23 27.06
C GLY B 219 4.27 58.77 25.69
N GLU B 220 5.07 58.46 24.67
CA GLU B 220 4.75 58.89 23.30
C GLU B 220 4.12 57.75 22.50
N GLN C 3 -0.73 11.64 8.14
CA GLN C 3 -1.33 10.31 8.19
C GLN C 3 -1.34 9.77 9.61
N LEU C 4 -0.59 10.41 10.50
CA LEU C 4 -0.55 10.06 11.92
C LEU C 4 -0.75 11.31 12.75
N GLN C 5 -1.77 11.29 13.60
CA GLN C 5 -2.11 12.44 14.45
C GLN C 5 -1.99 12.03 15.91
N GLN C 6 -1.09 12.68 16.64
CA GLN C 6 -0.85 12.39 18.04
C GLN C 6 -1.65 13.31 18.94
N SER C 7 -1.82 12.87 20.19
CA SER C 7 -2.55 13.66 21.17
C SER C 7 -1.71 14.85 21.65
N GLY C 8 -2.37 15.75 22.40
CA GLY C 8 -1.80 17.03 22.78
C GLY C 8 -0.82 16.93 23.94
N PRO C 9 -0.21 18.08 24.25
CA PRO C 9 0.82 18.10 25.30
C PRO C 9 0.26 17.81 26.69
N GLU C 10 1.10 17.21 27.53
CA GLU C 10 0.68 16.71 28.82
C GLU C 10 1.57 17.25 29.93
N LEU C 11 0.95 17.66 31.03
CA LEU C 11 1.63 17.94 32.29
C LEU C 11 1.26 16.83 33.26
N VAL C 12 2.26 16.12 33.77
CA VAL C 12 2.06 14.94 34.60
C VAL C 12 2.80 15.15 35.92
N LYS C 13 2.11 14.89 37.03
CA LYS C 13 2.77 14.93 38.32
C LYS C 13 3.68 13.70 38.48
N PRO C 14 4.81 13.86 39.17
CA PRO C 14 5.72 12.72 39.33
C PRO C 14 5.07 11.60 40.11
N GLY C 15 5.17 10.38 39.58
CA GLY C 15 4.56 9.22 40.16
C GLY C 15 3.23 8.85 39.53
N ALA C 16 2.61 9.78 38.80
CA ALA C 16 1.35 9.50 38.12
C ALA C 16 1.64 8.85 36.76
N SER C 17 0.57 8.57 36.01
CA SER C 17 0.70 7.98 34.68
C SER C 17 -0.01 8.86 33.66
N VAL C 18 0.35 8.64 32.40
CA VAL C 18 -0.26 9.35 31.27
C VAL C 18 -0.41 8.38 30.11
N LYS C 19 -1.43 8.61 29.31
CA LYS C 19 -1.72 7.83 28.12
C LYS C 19 -1.82 8.78 26.93
N ILE C 20 -0.97 8.56 25.93
CA ILE C 20 -1.00 9.37 24.71
C ILE C 20 -1.39 8.47 23.55
N SER C 21 -2.04 9.08 22.55
CA SER C 21 -2.66 8.35 21.46
C SER C 21 -2.03 8.77 20.12
N CYS C 22 -2.17 7.87 19.14
CA CYS C 22 -1.69 8.11 17.78
C CYS C 22 -2.76 7.59 16.82
N LYS C 23 -3.53 8.52 16.24
CA LYS C 23 -4.61 8.17 15.32
C LYS C 23 -4.05 8.01 13.90
N ALA C 24 -4.36 6.87 13.28
CA ALA C 24 -3.94 6.59 11.92
C ALA C 24 -5.09 6.78 10.94
N SER C 25 -4.75 7.17 9.72
CA SER C 25 -5.75 7.40 8.68
C SER C 25 -5.12 7.24 7.31
N GLY C 26 -5.91 6.72 6.37
CA GLY C 26 -5.51 6.66 4.98
C GLY C 26 -4.70 5.46 4.56
N TYR C 27 -4.54 4.45 5.42
CA TYR C 27 -3.82 3.25 5.05
C TYR C 27 -4.35 2.08 5.85
N SER C 28 -3.95 0.87 5.45
CA SER C 28 -4.36 -0.36 6.12
C SER C 28 -3.69 -0.43 7.49
N PHE C 29 -4.48 -0.19 8.54
CA PHE C 29 -3.95 -0.04 9.89
C PHE C 29 -3.24 -1.31 10.36
N THR C 30 -3.83 -2.47 10.11
CA THR C 30 -3.30 -3.73 10.62
C THR C 30 -2.11 -4.26 9.83
N GLY C 31 -1.77 -3.64 8.71
CA GLY C 31 -0.68 -4.13 7.87
C GLY C 31 0.69 -3.59 8.16
N TYR C 32 0.84 -2.67 9.13
CA TYR C 32 2.12 -2.01 9.36
C TYR C 32 2.36 -1.81 10.85
N TYR C 33 3.60 -2.01 11.28
CA TYR C 33 3.97 -1.81 12.68
C TYR C 33 3.88 -0.34 13.06
N MET C 34 3.47 -0.10 14.31
CA MET C 34 3.46 1.23 14.89
C MET C 34 4.51 1.29 15.98
N HIS C 35 5.48 2.18 15.82
CA HIS C 35 6.61 2.33 16.73
C HIS C 35 6.49 3.62 17.52
N TRP C 36 7.17 3.66 18.66
CA TRP C 36 7.23 4.85 19.50
C TRP C 36 8.68 5.19 19.80
N VAL C 37 8.99 6.48 19.76
CA VAL C 37 10.35 6.98 19.94
C VAL C 37 10.33 8.12 20.96
N LYS C 38 11.31 8.13 21.85
CA LYS C 38 11.46 9.16 22.87
C LYS C 38 12.58 10.10 22.50
N GLN C 39 12.32 11.41 22.57
CA GLN C 39 13.35 12.43 22.39
C GLN C 39 13.45 13.28 23.64
N SER C 40 14.52 13.07 24.41
CA SER C 40 14.74 13.86 25.63
C SER C 40 15.25 15.25 25.31
N HIS C 41 16.04 15.40 24.26
CA HIS C 41 16.51 16.70 23.81
C HIS C 41 16.97 16.55 22.37
N VAL C 42 17.57 17.62 21.82
CA VAL C 42 17.86 17.66 20.40
C VAL C 42 18.93 16.67 19.98
N LYS C 43 19.66 16.06 20.92
CA LYS C 43 20.70 15.12 20.54
C LYS C 43 20.45 13.73 21.11
N SER C 44 19.19 13.39 21.42
CA SER C 44 18.89 12.07 21.94
C SER C 44 17.63 11.50 21.28
N LEU C 45 17.74 10.33 20.67
CA LEU C 45 16.59 9.59 20.16
C LEU C 45 16.70 8.16 20.67
N GLU C 46 15.61 7.65 21.25
CA GLU C 46 15.57 6.28 21.78
C GLU C 46 14.34 5.56 21.27
N TRP C 47 14.52 4.33 20.82
CA TRP C 47 13.40 3.48 20.43
C TRP C 47 12.76 2.88 21.68
N ILE C 48 11.45 3.08 21.84
CA ILE C 48 10.72 2.55 22.98
C ILE C 48 10.21 1.14 22.73
N GLY C 49 9.51 0.95 21.61
CA GLY C 49 8.96 -0.35 21.29
C GLY C 49 8.05 -0.26 20.09
N ARG C 50 7.50 -1.41 19.71
CA ARG C 50 6.60 -1.49 18.57
C ARG C 50 5.40 -2.35 18.93
N ILE C 51 4.35 -2.24 18.12
CA ILE C 51 3.13 -3.02 18.30
C ILE C 51 2.57 -3.40 16.93
N ASP C 52 2.13 -4.65 16.81
CA ASP C 52 1.46 -5.11 15.60
C ASP C 52 -0.05 -4.91 15.79
N PRO C 53 -0.67 -3.93 15.13
CA PRO C 53 -2.10 -3.66 15.36
C PRO C 53 -3.01 -4.81 14.94
N TYR C 54 -2.52 -5.76 14.14
CA TYR C 54 -3.34 -6.89 13.72
C TYR C 54 -3.78 -7.72 14.92
N ASP C 55 -2.83 -8.11 15.77
CA ASP C 55 -3.11 -8.95 16.94
C ASP C 55 -2.65 -8.34 18.25
N GLY C 56 -2.18 -7.08 18.24
CA GLY C 56 -1.73 -6.44 19.46
C GLY C 56 -0.42 -6.93 20.03
N ALA C 57 0.32 -7.77 19.30
CA ALA C 57 1.63 -8.21 19.76
C ALA C 57 2.57 -7.02 19.90
N THR C 58 3.37 -7.03 20.98
CA THR C 58 4.26 -5.92 21.28
C THR C 58 5.69 -6.41 21.43
N SER C 59 6.63 -5.55 21.02
CA SER C 59 8.04 -5.73 21.32
C SER C 59 8.55 -4.43 21.95
N TYR C 60 9.30 -4.54 23.03
CA TYR C 60 9.76 -3.40 23.78
C TYR C 60 11.27 -3.37 23.88
N ASN C 61 11.84 -2.16 23.86
CA ASN C 61 13.20 -1.94 24.34
C ASN C 61 13.26 -2.26 25.82
N GLN C 62 14.31 -2.99 26.22
CA GLN C 62 14.40 -3.44 27.61
C GLN C 62 14.39 -2.26 28.59
N ASN C 63 14.85 -1.09 28.15
CA ASN C 63 14.85 0.07 29.03
C ASN C 63 13.44 0.56 29.34
N PHE C 64 12.46 0.24 28.51
CA PHE C 64 11.12 0.79 28.69
C PHE C 64 10.11 -0.25 29.16
N LYS C 65 10.54 -1.48 29.41
CA LYS C 65 9.65 -2.46 30.00
C LYS C 65 9.33 -2.01 31.42
N ASP C 66 8.06 -2.09 31.79
CA ASP C 66 7.51 -1.69 33.08
C ASP C 66 7.39 -0.18 33.17
N LYS C 67 7.88 0.56 32.18
CA LYS C 67 7.66 1.99 32.05
C LYS C 67 6.59 2.34 31.01
N ALA C 68 6.48 1.54 29.95
CA ALA C 68 5.59 1.81 28.84
C ALA C 68 4.78 0.56 28.52
N SER C 69 3.58 0.77 27.98
CA SER C 69 2.76 -0.33 27.49
C SER C 69 1.97 0.15 26.27
N LEU C 70 2.04 -0.64 25.20
CA LEU C 70 1.46 -0.26 23.91
C LEU C 70 0.18 -1.04 23.67
N THR C 71 -0.86 -0.35 23.22
CA THR C 71 -2.13 -0.95 22.87
C THR C 71 -2.67 -0.31 21.59
N VAL C 72 -3.68 -0.95 21.01
CA VAL C 72 -4.34 -0.42 19.83
C VAL C 72 -5.85 -0.57 20.00
N ASP C 73 -6.59 0.29 19.31
CA ASP C 73 -8.02 0.13 19.14
C ASP C 73 -8.27 0.06 17.63
N LYS C 74 -8.55 -1.15 17.14
CA LYS C 74 -8.68 -1.32 15.69
C LYS C 74 -9.88 -0.57 15.15
N SER C 75 -10.96 -0.48 15.94
CA SER C 75 -12.19 0.15 15.44
C SER C 75 -11.96 1.63 15.13
N SER C 76 -11.12 2.29 15.91
CA SER C 76 -10.78 3.69 15.67
C SER C 76 -9.41 3.86 15.03
N THR C 77 -8.72 2.76 14.69
CA THR C 77 -7.38 2.78 14.09
C THR C 77 -6.45 3.71 14.84
N THR C 78 -6.40 3.55 16.15
CA THR C 78 -5.57 4.37 17.03
C THR C 78 -4.63 3.49 17.83
N GLY C 79 -3.38 3.93 17.95
CA GLY C 79 -2.43 3.30 18.85
C GLY C 79 -2.30 4.15 20.10
N PHE C 80 -1.99 3.49 21.21
CA PHE C 80 -1.84 4.15 22.49
C PHE C 80 -0.52 3.73 23.13
N MET C 81 0.09 4.66 23.84
CA MET C 81 1.22 4.35 24.71
C MET C 81 0.92 4.94 26.08
N GLU C 82 0.95 4.10 27.11
CA GLU C 82 0.80 4.53 28.48
C GLU C 82 2.16 4.46 29.16
N LEU C 83 2.54 5.55 29.80
CA LEU C 83 3.79 5.64 30.57
C LEU C 83 3.43 5.58 32.05
N HIS C 84 4.14 4.74 32.80
CA HIS C 84 3.77 4.44 34.17
C HIS C 84 4.76 5.06 35.16
N SER C 85 4.23 5.61 36.25
CA SER C 85 5.00 6.06 37.41
C SER C 85 6.17 6.95 36.99
N LEU C 86 5.83 8.08 36.38
CA LEU C 86 6.81 8.92 35.72
C LEU C 86 7.76 9.61 36.71
N THR C 87 9.01 9.75 36.30
CA THR C 87 10.02 10.53 36.99
C THR C 87 10.44 11.69 36.09
N SER C 88 11.29 12.57 36.62
CA SER C 88 11.73 13.74 35.84
C SER C 88 12.47 13.31 34.58
N GLU C 89 13.10 12.13 34.60
CA GLU C 89 13.78 11.63 33.42
C GLU C 89 12.82 11.23 32.31
N ASP C 90 11.51 11.26 32.56
CA ASP C 90 10.50 10.94 31.57
C ASP C 90 9.97 12.17 30.84
N SER C 91 10.40 13.36 31.23
CA SER C 91 10.06 14.58 30.49
C SER C 91 10.75 14.57 29.15
N ALA C 92 9.97 14.49 28.07
CA ALA C 92 10.53 14.38 26.74
C ALA C 92 9.41 14.59 25.72
N VAL C 93 9.78 14.55 24.44
CA VAL C 93 8.85 14.57 23.32
C VAL C 93 8.74 13.14 22.81
N TYR C 94 7.51 12.66 22.63
CA TYR C 94 7.24 11.28 22.23
C TYR C 94 6.61 11.25 20.86
N TYR C 95 7.20 10.44 19.96
CA TYR C 95 6.73 10.27 18.60
C TYR C 95 6.15 8.88 18.38
N CYS C 96 5.18 8.80 17.49
CA CYS C 96 4.78 7.54 16.87
C CYS C 96 5.22 7.55 15.42
N ALA C 97 5.55 6.37 14.90
CA ALA C 97 5.95 6.25 13.51
C ALA C 97 5.41 4.96 12.93
N ARG C 98 5.12 4.99 11.64
CA ARG C 98 4.71 3.81 10.90
C ARG C 98 5.93 3.22 10.20
N GLU C 99 6.12 1.91 10.33
CA GLU C 99 7.17 1.23 9.58
C GLU C 99 6.56 0.85 8.23
N GLY C 100 6.76 1.71 7.24
CA GLY C 100 6.14 1.53 5.95
C GLY C 100 6.92 0.60 5.05
N HIS C 101 6.40 0.44 3.83
CA HIS C 101 6.92 -0.50 2.86
C HIS C 101 7.14 0.25 1.56
N TRP C 102 8.32 0.12 0.98
CA TRP C 102 8.61 0.68 -0.34
C TRP C 102 9.72 -0.13 -0.98
N ASP C 103 9.50 -0.51 -2.25
CA ASP C 103 10.49 -1.25 -3.04
C ASP C 103 10.90 -2.53 -2.32
N GLY C 104 9.93 -3.17 -1.65
CA GLY C 104 10.17 -4.40 -0.94
C GLY C 104 10.96 -4.26 0.34
N ASP C 105 11.22 -3.04 0.80
CA ASP C 105 12.01 -2.79 1.99
C ASP C 105 11.21 -1.95 2.97
N TRP C 106 11.60 -2.02 4.25
CA TRP C 106 10.82 -1.45 5.34
C TRP C 106 11.59 -0.35 6.04
N TYR C 107 10.90 0.75 6.36
CA TYR C 107 11.51 1.85 7.09
C TYR C 107 10.41 2.76 7.61
N PHE C 108 10.78 3.61 8.57
CA PHE C 108 9.85 4.58 9.15
C PHE C 108 9.55 5.67 8.11
N ASP C 109 8.41 5.57 7.43
CA ASP C 109 8.11 6.51 6.36
C ASP C 109 7.09 7.58 6.75
N VAL C 110 6.36 7.40 7.85
CA VAL C 110 5.42 8.42 8.34
C VAL C 110 5.65 8.59 9.84
N TRP C 111 5.72 9.84 10.28
CA TRP C 111 5.90 10.16 11.69
C TRP C 111 4.77 11.05 12.18
N GLY C 112 4.40 10.86 13.44
CA GLY C 112 3.51 11.81 14.08
C GLY C 112 4.25 13.11 14.38
N ALA C 113 3.48 14.13 14.73
CA ALA C 113 4.08 15.43 15.01
C ALA C 113 4.78 15.47 16.37
N GLY C 114 4.51 14.53 17.25
CA GLY C 114 5.18 14.53 18.54
C GLY C 114 4.28 15.05 19.65
N THR C 115 4.47 14.49 20.84
CA THR C 115 3.72 14.88 22.04
C THR C 115 4.70 15.26 23.14
N THR C 116 4.57 16.48 23.67
CA THR C 116 5.43 16.96 24.74
C THR C 116 4.84 16.54 26.08
N VAL C 117 5.61 15.80 26.86
CA VAL C 117 5.21 15.41 28.22
C VAL C 117 6.18 16.06 29.19
N THR C 118 5.65 16.84 30.13
CA THR C 118 6.45 17.48 31.16
C THR C 118 6.07 16.88 32.50
N VAL C 119 7.06 16.37 33.22
CA VAL C 119 6.86 15.80 34.55
C VAL C 119 7.24 16.85 35.57
N SER C 120 6.27 17.27 36.38
CA SER C 120 6.45 18.34 37.34
C SER C 120 5.33 18.29 38.35
N SER C 121 5.63 18.66 39.59
CA SER C 121 4.61 18.82 40.61
C SER C 121 4.03 20.23 40.62
N ALA C 122 4.55 21.13 39.79
CA ALA C 122 4.05 22.49 39.72
C ALA C 122 2.72 22.54 38.99
N SER C 123 1.87 23.49 39.39
CA SER C 123 0.59 23.66 38.74
C SER C 123 0.76 24.37 37.39
N THR C 124 -0.18 24.10 36.49
CA THR C 124 -0.13 24.75 35.19
C THR C 124 -0.60 26.19 35.31
N LYS C 125 -0.02 27.05 34.49
CA LYS C 125 -0.44 28.45 34.40
C LYS C 125 -0.59 28.86 32.95
N GLY C 126 -1.74 29.42 32.61
CA GLY C 126 -1.98 29.95 31.30
C GLY C 126 -1.29 31.29 31.12
N PRO C 127 -0.97 31.63 29.87
CA PRO C 127 -0.27 32.88 29.60
C PRO C 127 -1.21 34.08 29.52
N SER C 128 -0.64 35.24 29.74
CA SER C 128 -1.27 36.51 29.41
C SER C 128 -0.63 37.03 28.15
N VAL C 129 -1.46 37.48 27.20
CA VAL C 129 -1.00 37.87 25.87
C VAL C 129 -1.08 39.38 25.74
N PHE C 130 0.03 40.00 25.37
CA PHE C 130 0.14 41.43 25.20
C PHE C 130 0.55 41.76 23.78
N PRO C 131 0.04 42.84 23.21
CA PRO C 131 0.38 43.17 21.83
C PRO C 131 1.69 43.93 21.73
N LEU C 132 2.48 43.57 20.71
CA LEU C 132 3.66 44.34 20.31
C LEU C 132 3.20 45.22 19.15
N ALA C 133 2.76 46.43 19.47
CA ALA C 133 2.10 47.25 18.48
C ALA C 133 3.10 47.93 17.54
N PRO C 134 2.83 47.95 16.24
CA PRO C 134 3.69 48.68 15.31
C PRO C 134 3.59 50.18 15.50
N SER C 135 4.69 50.87 15.19
CA SER C 135 4.75 52.33 15.26
C SER C 135 5.91 52.79 14.36
N SER C 136 6.21 54.09 14.40
CA SER C 136 7.39 54.58 13.69
C SER C 136 8.66 53.96 14.24
N LYS C 137 8.63 53.50 15.50
CA LYS C 137 9.76 52.82 16.13
C LYS C 137 9.94 51.40 15.61
N SER C 138 8.98 50.87 14.85
CA SER C 138 9.07 49.51 14.33
C SER C 138 8.85 49.47 12.82
N THR C 139 9.31 50.50 12.09
CA THR C 139 9.28 50.53 10.65
C THR C 139 10.69 50.51 10.07
N SER C 140 10.88 49.77 8.98
CA SER C 140 12.16 49.75 8.28
C SER C 140 11.92 49.52 6.80
N GLY C 141 12.44 50.41 5.98
CA GLY C 141 12.42 50.24 4.52
C GLY C 141 11.05 50.03 3.92
N GLY C 142 10.03 50.72 4.43
CA GLY C 142 8.67 50.54 3.97
C GLY C 142 7.94 49.34 4.56
N THR C 143 8.56 48.62 5.48
CA THR C 143 7.92 47.49 6.13
C THR C 143 7.72 47.79 7.61
N ALA C 144 6.69 47.18 8.20
CA ALA C 144 6.41 47.34 9.62
C ALA C 144 6.48 45.98 10.30
N ALA C 145 6.94 45.99 11.55
CA ALA C 145 7.00 44.82 12.39
C ALA C 145 5.94 44.93 13.48
N LEU C 146 5.22 43.85 13.72
CA LEU C 146 4.27 43.76 14.83
C LEU C 146 4.33 42.37 15.41
N GLY C 147 3.72 42.17 16.57
CA GLY C 147 3.81 40.87 17.19
C GLY C 147 2.94 40.73 18.43
N CYS C 148 3.14 39.59 19.10
CA CYS C 148 2.46 39.28 20.35
C CYS C 148 3.48 38.77 21.36
N LEU C 149 3.37 39.28 22.59
CA LEU C 149 4.18 38.83 23.72
C LEU C 149 3.35 37.88 24.56
N VAL C 150 3.82 36.64 24.69
CA VAL C 150 3.10 35.59 25.41
C VAL C 150 3.89 35.29 26.67
N LYS C 151 3.38 35.72 27.82
CA LYS C 151 4.17 35.83 29.03
C LYS C 151 3.62 34.94 30.14
N ASP C 152 4.52 34.29 30.89
CA ASP C 152 4.23 33.65 32.17
C ASP C 152 3.26 32.47 32.00
N TYR C 153 3.80 31.38 31.45
CA TYR C 153 3.01 30.16 31.32
C TYR C 153 3.86 28.96 31.70
N PHE C 154 3.17 27.87 32.07
CA PHE C 154 3.79 26.61 32.44
C PHE C 154 2.79 25.49 32.21
N PRO C 155 3.21 24.37 31.60
CA PRO C 155 4.55 24.17 31.05
C PRO C 155 4.60 24.54 29.57
N GLU C 156 5.68 24.17 28.88
CA GLU C 156 5.69 24.25 27.43
C GLU C 156 4.83 23.13 26.86
N PRO C 157 4.37 23.27 25.60
CA PRO C 157 4.53 24.40 24.69
C PRO C 157 3.28 25.24 24.57
N VAL C 158 3.41 26.39 23.92
CA VAL C 158 2.26 27.21 23.54
C VAL C 158 2.26 27.35 22.02
N THR C 159 1.07 27.31 21.43
CA THR C 159 0.91 27.41 19.99
C THR C 159 0.47 28.83 19.62
N VAL C 160 1.18 29.43 18.67
CA VAL C 160 0.86 30.75 18.17
C VAL C 160 0.65 30.66 16.68
N SER C 161 -0.48 31.18 16.21
CA SER C 161 -0.72 31.34 14.79
C SER C 161 -1.16 32.78 14.55
N TRP C 162 -1.27 33.14 13.27
CA TRP C 162 -1.69 34.49 12.90
C TRP C 162 -2.87 34.40 11.93
N ASN C 163 -3.92 35.15 12.25
CA ASN C 163 -5.18 35.15 11.48
C ASN C 163 -5.67 33.74 11.20
N SER C 164 -5.77 32.95 12.27
CA SER C 164 -6.28 31.59 12.20
C SER C 164 -5.50 30.73 11.21
N GLY C 165 -4.21 31.04 11.05
CA GLY C 165 -3.33 30.29 10.19
C GLY C 165 -3.24 30.79 8.76
N ALA C 166 -3.98 31.84 8.41
CA ALA C 166 -3.94 32.39 7.05
C ALA C 166 -2.70 33.22 6.77
N LEU C 167 -2.07 33.76 7.80
CA LEU C 167 -0.87 34.58 7.66
C LEU C 167 0.33 33.77 8.15
N THR C 168 1.21 33.37 7.21
CA THR C 168 2.37 32.57 7.59
C THR C 168 3.66 33.20 7.08
N SER C 169 3.59 33.95 5.99
CA SER C 169 4.80 34.54 5.43
C SER C 169 5.36 35.60 6.37
N GLY C 170 6.66 35.52 6.65
CA GLY C 170 7.29 36.51 7.50
C GLY C 170 7.01 36.39 8.98
N VAL C 171 6.48 35.25 9.42
CA VAL C 171 6.21 35.03 10.84
C VAL C 171 7.44 34.43 11.50
N HIS C 172 7.84 34.99 12.63
CA HIS C 172 8.84 34.39 13.49
C HIS C 172 8.27 34.23 14.89
N THR C 173 8.14 32.99 15.33
CA THR C 173 7.74 32.68 16.71
C THR C 173 8.99 32.20 17.43
N PHE C 174 9.42 32.97 18.41
CA PHE C 174 10.71 32.70 19.02
C PHE C 174 10.64 31.53 20.02
N PRO C 175 11.70 30.73 20.11
CA PRO C 175 11.80 29.75 21.19
C PRO C 175 11.57 30.43 22.53
N ALA C 176 10.84 29.76 23.41
CA ALA C 176 10.56 30.33 24.73
C ALA C 176 11.85 30.49 25.52
N VAL C 177 11.83 31.44 26.45
CA VAL C 177 12.90 31.57 27.42
C VAL C 177 12.35 31.19 28.78
N LEU C 178 13.24 30.72 29.65
CA LEU C 178 12.90 30.39 31.02
C LEU C 178 13.18 31.60 31.89
N GLN C 179 12.14 32.10 32.56
CA GLN C 179 12.32 33.24 33.44
C GLN C 179 12.76 32.76 34.82
N SER C 180 13.27 33.70 35.63
CA SER C 180 13.71 33.36 36.98
C SER C 180 12.55 32.91 37.87
N SER C 181 11.30 33.24 37.50
CA SER C 181 10.14 32.75 38.22
C SER C 181 9.88 31.26 37.97
N GLY C 182 10.57 30.66 37.01
CA GLY C 182 10.26 29.32 36.57
C GLY C 182 9.20 29.25 35.50
N LEU C 183 8.61 30.39 35.13
CA LEU C 183 7.63 30.44 34.05
C LEU C 183 8.32 30.76 32.72
N TYR C 184 7.59 30.54 31.64
CA TYR C 184 8.09 30.73 30.29
C TYR C 184 7.50 31.99 29.66
N SER C 185 8.20 32.51 28.66
CA SER C 185 7.71 33.60 27.83
C SER C 185 8.26 33.46 26.43
N LEU C 186 7.47 33.86 25.44
CA LEU C 186 7.95 33.94 24.07
C LEU C 186 7.29 35.12 23.37
N SER C 187 7.80 35.44 22.19
CA SER C 187 7.19 36.42 21.31
C SER C 187 6.99 35.79 19.93
N SER C 188 5.96 36.26 19.23
CA SER C 188 5.77 35.94 17.83
C SER C 188 5.64 37.26 17.07
N VAL C 189 6.42 37.42 16.00
CA VAL C 189 6.45 38.67 15.25
C VAL C 189 6.23 38.39 13.78
N VAL C 190 5.79 39.41 13.07
CA VAL C 190 5.59 39.33 11.63
C VAL C 190 5.89 40.69 11.01
N THR C 191 6.46 40.69 9.81
CA THR C 191 6.69 41.91 9.05
C THR C 191 5.69 42.03 7.91
N VAL C 192 5.11 43.23 7.75
CA VAL C 192 4.06 43.50 6.79
C VAL C 192 4.36 44.83 6.11
N PRO C 193 3.63 45.22 5.04
CA PRO C 193 3.80 46.58 4.52
C PRO C 193 3.32 47.61 5.53
N SER C 194 4.08 48.70 5.66
CA SER C 194 3.66 49.76 6.56
C SER C 194 2.41 50.46 6.05
N SER C 195 2.20 50.47 4.74
CA SER C 195 1.00 51.07 4.17
C SER C 195 -0.25 50.24 4.41
N SER C 196 -0.11 48.99 4.86
CA SER C 196 -1.23 48.09 5.07
C SER C 196 -1.83 48.18 6.47
N LEU C 197 -1.25 48.99 7.36
CA LEU C 197 -1.69 48.99 8.75
C LEU C 197 -3.08 49.58 8.95
N GLY C 198 -3.55 50.40 8.01
CA GLY C 198 -4.89 50.94 8.12
C GLY C 198 -5.98 50.01 7.66
N THR C 199 -5.68 49.13 6.69
CA THR C 199 -6.69 48.29 6.07
C THR C 199 -6.64 46.82 6.48
N GLN C 200 -5.49 46.30 6.88
CA GLN C 200 -5.37 44.89 7.21
C GLN C 200 -5.54 44.65 8.70
N THR C 201 -6.01 43.45 9.02
CA THR C 201 -6.23 43.02 10.39
C THR C 201 -5.23 41.93 10.74
N TYR C 202 -4.55 42.08 11.87
CA TYR C 202 -3.55 41.13 12.33
C TYR C 202 -3.96 40.63 13.72
N ILE C 203 -4.30 39.36 13.81
CA ILE C 203 -4.74 38.74 15.06
C ILE C 203 -3.83 37.55 15.32
N CYS C 204 -3.18 37.54 16.48
CA CYS C 204 -2.39 36.39 16.89
C CYS C 204 -3.28 35.46 17.72
N ASN C 205 -3.22 34.18 17.41
CA ASN C 205 -4.02 33.17 18.08
C ASN C 205 -3.09 32.36 18.98
N VAL C 206 -3.34 32.42 20.29
CA VAL C 206 -2.48 31.79 21.28
C VAL C 206 -3.27 30.66 21.93
N ASN C 207 -2.77 29.43 21.80
CA ASN C 207 -3.41 28.25 22.39
C ASN C 207 -2.42 27.54 23.30
N HIS C 208 -2.70 27.56 24.61
CA HIS C 208 -1.91 26.85 25.61
C HIS C 208 -2.78 25.72 26.15
N LYS C 209 -2.59 24.52 25.61
CA LYS C 209 -3.44 23.37 25.88
C LYS C 209 -3.36 22.83 27.31
N PRO C 210 -2.19 22.81 27.98
CA PRO C 210 -2.18 22.36 29.39
C PRO C 210 -3.11 23.14 30.29
N SER C 211 -3.36 24.41 30.01
CA SER C 211 -4.28 25.21 30.81
C SER C 211 -5.59 25.49 30.09
N ASN C 212 -5.80 24.92 28.90
CA ASN C 212 -7.00 25.14 28.11
C ASN C 212 -7.21 26.64 27.88
N THR C 213 -6.14 27.31 27.49
CA THR C 213 -6.13 28.76 27.31
C THR C 213 -6.04 29.06 25.82
N LYS C 214 -7.08 29.71 25.31
CA LYS C 214 -7.13 30.11 23.91
C LYS C 214 -7.40 31.61 23.86
N VAL C 215 -6.47 32.38 23.32
CA VAL C 215 -6.55 33.83 23.31
C VAL C 215 -6.32 34.37 21.91
N ASP C 216 -7.16 35.32 21.50
CA ASP C 216 -7.00 36.06 20.26
C ASP C 216 -6.80 37.54 20.61
N LYS C 217 -5.71 38.11 20.13
CA LYS C 217 -5.38 39.52 20.36
C LYS C 217 -5.21 40.20 19.01
N LYS C 218 -5.99 41.25 18.76
CA LYS C 218 -5.83 42.08 17.58
C LYS C 218 -4.76 43.14 17.85
N VAL C 219 -3.72 43.17 17.01
CA VAL C 219 -2.60 44.08 17.17
C VAL C 219 -2.88 45.31 16.29
N GLU C 220 -3.09 46.46 16.92
CA GLU C 220 -3.38 47.72 16.27
C GLU C 220 -2.21 48.68 16.42
N PRO C 221 -2.00 49.58 15.46
CA PRO C 221 -0.85 50.50 15.57
C PRO C 221 -1.00 51.47 16.73
N LYS C 222 0.14 51.87 17.28
CA LYS C 222 0.19 52.97 18.24
C LYS C 222 0.43 54.28 17.50
N SER C 223 -0.02 55.38 18.11
CA SER C 223 0.11 56.69 17.49
C SER C 223 1.56 57.01 17.15
N ASP D 3 -1.90 -4.21 3.93
CA ASP D 3 -2.84 -4.65 2.91
C ASP D 3 -4.17 -5.05 3.53
N ILE D 4 -5.27 -4.63 2.89
CA ILE D 4 -6.60 -4.96 3.39
C ILE D 4 -6.85 -6.45 3.21
N VAL D 5 -7.32 -7.11 4.25
CA VAL D 5 -7.65 -8.53 4.21
C VAL D 5 -9.14 -8.64 3.94
N MET D 6 -9.49 -9.37 2.87
CA MET D 6 -10.87 -9.55 2.44
C MET D 6 -11.27 -10.99 2.72
N THR D 7 -12.27 -11.17 3.59
CA THR D 7 -12.74 -12.49 3.99
C THR D 7 -14.13 -12.73 3.42
N GLN D 8 -14.30 -13.86 2.73
CA GLN D 8 -15.56 -14.22 2.12
C GLN D 8 -16.18 -15.40 2.85
N THR D 9 -17.51 -15.35 3.02
CA THR D 9 -18.28 -16.46 3.55
C THR D 9 -19.58 -16.56 2.76
N PRO D 10 -20.02 -17.77 2.40
CA PRO D 10 -19.27 -19.01 2.63
C PRO D 10 -18.19 -19.21 1.56
N LEU D 11 -17.35 -20.23 1.74
CA LEU D 11 -16.36 -20.54 0.72
C LEU D 11 -16.96 -21.32 -0.44
N SER D 12 -17.99 -22.11 -0.19
CA SER D 12 -18.69 -22.88 -1.21
CA SER D 12 -18.69 -22.85 -1.23
C SER D 12 -20.19 -22.76 -0.98
N LEU D 13 -20.96 -22.72 -2.07
CA LEU D 13 -22.40 -22.55 -1.95
C LEU D 13 -23.12 -23.31 -3.06
N SER D 14 -24.23 -23.94 -2.72
CA SER D 14 -25.02 -24.73 -3.65
C SER D 14 -26.48 -24.30 -3.53
N VAL D 15 -27.02 -23.75 -4.61
CA VAL D 15 -28.36 -23.16 -4.61
C VAL D 15 -29.16 -23.76 -5.76
N THR D 16 -30.42 -24.09 -5.48
CA THR D 16 -31.32 -24.59 -6.50
C THR D 16 -31.68 -23.49 -7.49
N ILE D 17 -31.88 -23.88 -8.75
CA ILE D 17 -32.31 -22.93 -9.77
C ILE D 17 -33.59 -22.25 -9.31
N GLY D 18 -33.64 -20.93 -9.43
CA GLY D 18 -34.80 -20.14 -9.04
C GLY D 18 -34.82 -19.70 -7.59
N GLN D 19 -33.84 -20.09 -6.78
CA GLN D 19 -33.76 -19.72 -5.38
C GLN D 19 -32.71 -18.63 -5.15
N PRO D 20 -32.85 -17.84 -4.08
CA PRO D 20 -31.87 -16.78 -3.83
C PRO D 20 -30.54 -17.34 -3.40
N ALA D 21 -29.49 -16.57 -3.65
CA ALA D 21 -28.16 -16.87 -3.17
C ALA D 21 -27.58 -15.62 -2.53
N SER D 22 -26.75 -15.83 -1.52
CA SER D 22 -26.19 -14.73 -0.76
C SER D 22 -24.73 -15.03 -0.47
N ILE D 23 -23.86 -14.05 -0.74
CA ILE D 23 -22.43 -14.18 -0.53
C ILE D 23 -21.97 -12.93 0.22
N SER D 24 -21.13 -13.12 1.23
CA SER D 24 -20.70 -12.04 2.08
C SER D 24 -19.18 -11.87 2.02
N CYS D 25 -18.74 -10.64 2.26
CA CYS D 25 -17.33 -10.28 2.29
C CYS D 25 -17.09 -9.35 3.46
N LYS D 26 -15.98 -9.54 4.17
CA LYS D 26 -15.63 -8.69 5.30
C LYS D 26 -14.23 -8.14 5.13
N SER D 27 -14.07 -6.85 5.36
CA SER D 27 -12.78 -6.17 5.24
C SER D 27 -12.22 -5.86 6.61
N SER D 28 -10.89 -5.93 6.71
CA SER D 28 -10.19 -5.65 7.96
C SER D 28 -10.22 -4.18 8.33
N GLN D 29 -10.74 -3.32 7.45
CA GLN D 29 -10.79 -1.88 7.71
C GLN D 29 -11.92 -1.28 6.87
N SER D 30 -12.48 -0.18 7.37
CA SER D 30 -13.49 0.57 6.64
C SER D 30 -12.99 0.95 5.25
N LEU D 31 -13.83 0.70 4.24
CA LEU D 31 -13.51 0.99 2.85
C LEU D 31 -14.01 2.35 2.40
N LEU D 32 -14.53 3.16 3.31
CA LEU D 32 -14.96 4.51 2.96
C LEU D 32 -13.76 5.40 2.72
N HIS D 33 -13.72 6.04 1.55
CA HIS D 33 -12.63 6.92 1.14
C HIS D 33 -12.94 8.36 1.53
N SER D 34 -11.91 9.21 1.43
CA SER D 34 -12.05 10.62 1.79
C SER D 34 -13.07 11.33 0.90
N ASN D 35 -13.12 10.96 -0.39
CA ASN D 35 -14.07 11.62 -1.29
C ASN D 35 -15.51 11.17 -1.06
N GLY D 36 -15.73 10.22 -0.16
CA GLY D 36 -17.06 9.74 0.16
C GLY D 36 -17.51 8.50 -0.58
N LYS D 37 -16.63 7.90 -1.39
CA LYS D 37 -16.96 6.68 -2.12
C LYS D 37 -16.38 5.46 -1.41
N THR D 38 -17.17 4.39 -1.36
CA THR D 38 -16.74 3.11 -0.80
C THR D 38 -16.43 2.18 -1.96
N TYR D 39 -15.14 1.99 -2.24
CA TYR D 39 -14.69 1.28 -3.44
C TYR D 39 -14.68 -0.22 -3.17
N LEU D 40 -15.85 -0.83 -3.29
CA LEU D 40 -15.98 -2.28 -3.17
C LEU D 40 -16.62 -2.83 -4.43
N ASN D 41 -15.95 -3.80 -5.04
CA ASN D 41 -16.38 -4.41 -6.30
C ASN D 41 -16.68 -5.89 -6.08
N TRP D 42 -17.66 -6.40 -6.80
CA TRP D 42 -17.93 -7.84 -6.88
C TRP D 42 -17.66 -8.33 -8.29
N LEU D 43 -16.98 -9.47 -8.41
CA LEU D 43 -16.70 -10.08 -9.69
C LEU D 43 -17.24 -11.50 -9.71
N GLN D 44 -17.62 -11.95 -10.91
CA GLN D 44 -17.98 -13.34 -11.17
C GLN D 44 -17.00 -13.90 -12.19
N GLN D 45 -16.54 -15.13 -11.97
CA GLN D 45 -15.71 -15.82 -12.94
C GLN D 45 -16.33 -17.17 -13.26
N ARG D 46 -16.86 -17.29 -14.49
CA ARG D 46 -17.36 -18.56 -15.00
C ARG D 46 -16.20 -19.46 -15.43
N PRO D 47 -16.39 -20.77 -15.40
CA PRO D 47 -15.31 -21.69 -15.80
C PRO D 47 -14.84 -21.41 -17.21
N GLY D 48 -13.52 -21.30 -17.37
CA GLY D 48 -12.95 -21.04 -18.68
C GLY D 48 -13.08 -19.62 -19.16
N GLN D 49 -13.37 -18.68 -18.27
CA GLN D 49 -13.57 -17.29 -18.66
C GLN D 49 -12.83 -16.38 -17.69
N ALA D 50 -12.57 -15.15 -18.13
CA ALA D 50 -11.94 -14.15 -17.30
C ALA D 50 -12.94 -13.64 -16.27
N PRO D 51 -12.45 -13.08 -15.16
CA PRO D 51 -13.36 -12.45 -14.21
C PRO D 51 -14.10 -11.29 -14.87
N LYS D 52 -15.28 -10.98 -14.33
CA LYS D 52 -16.10 -9.90 -14.86
C LYS D 52 -16.71 -9.15 -13.70
N ILE D 53 -16.58 -7.82 -13.72
CA ILE D 53 -17.13 -7.00 -12.65
C ILE D 53 -18.66 -7.05 -12.72
N LEU D 54 -19.29 -7.40 -11.60
CA LEU D 54 -20.75 -7.34 -11.53
C LEU D 54 -21.23 -6.02 -10.96
N MET D 55 -20.60 -5.57 -9.88
CA MET D 55 -21.01 -4.38 -9.17
C MET D 55 -19.79 -3.61 -8.71
N TYR D 56 -19.92 -2.29 -8.65
CA TYR D 56 -18.89 -1.40 -8.14
C TYR D 56 -19.56 -0.45 -7.16
N LEU D 57 -18.73 0.18 -6.32
CA LEU D 57 -19.22 1.10 -5.29
C LEU D 57 -20.34 0.44 -4.47
N VAL D 58 -20.05 -0.77 -4.01
CA VAL D 58 -20.92 -1.55 -3.13
C VAL D 58 -22.20 -2.02 -3.84
N SER D 59 -22.92 -1.09 -4.48
CA SER D 59 -24.29 -1.36 -4.89
C SER D 59 -24.59 -1.09 -6.36
N LYS D 60 -23.65 -0.59 -7.15
CA LYS D 60 -23.94 -0.09 -8.49
C LYS D 60 -23.64 -1.17 -9.53
N LEU D 61 -24.64 -1.49 -10.35
CA LEU D 61 -24.50 -2.54 -11.35
C LEU D 61 -23.84 -2.01 -12.61
N ASP D 62 -23.02 -2.87 -13.22
CA ASP D 62 -22.59 -2.61 -14.58
C ASP D 62 -23.79 -2.72 -15.51
N PRO D 63 -23.90 -1.85 -16.52
CA PRO D 63 -25.14 -1.79 -17.32
C PRO D 63 -25.53 -3.10 -17.98
N GLY D 64 -24.58 -3.98 -18.25
CA GLY D 64 -24.88 -5.26 -18.88
C GLY D 64 -25.19 -6.39 -17.93
N ILE D 65 -25.35 -6.11 -16.64
CA ILE D 65 -25.56 -7.13 -15.61
C ILE D 65 -27.06 -7.21 -15.32
N PRO D 66 -27.66 -8.40 -15.28
CA PRO D 66 -29.10 -8.49 -15.03
C PRO D 66 -29.45 -8.05 -13.61
N ASP D 67 -30.66 -7.50 -13.46
CA ASP D 67 -31.06 -6.86 -12.21
C ASP D 67 -31.33 -7.84 -11.07
N ARG D 68 -31.27 -9.16 -11.31
CA ARG D 68 -31.38 -10.10 -10.20
C ARG D 68 -30.18 -10.01 -9.26
N PHE D 69 -29.07 -9.42 -9.71
CA PHE D 69 -27.95 -9.13 -8.83
C PHE D 69 -28.20 -7.83 -8.08
N SER D 70 -27.83 -7.82 -6.80
CA SER D 70 -27.88 -6.60 -6.01
C SER D 70 -26.78 -6.68 -4.97
N GLY D 71 -26.40 -5.52 -4.47
CA GLY D 71 -25.33 -5.43 -3.48
C GLY D 71 -25.70 -4.52 -2.35
N SER D 72 -25.31 -4.91 -1.15
CA SER D 72 -25.53 -4.11 0.05
C SER D 72 -24.27 -4.18 0.90
N GLY D 73 -24.16 -3.24 1.84
CA GLY D 73 -23.06 -3.31 2.77
C GLY D 73 -22.99 -2.09 3.64
N SER D 74 -22.16 -2.21 4.67
CA SER D 74 -21.79 -1.07 5.51
C SER D 74 -20.46 -0.55 5.01
N GLU D 75 -19.53 -0.22 5.91
CA GLU D 75 -18.19 0.17 5.51
C GLU D 75 -17.20 -0.98 5.58
N THR D 76 -17.55 -2.08 6.25
CA THR D 76 -16.65 -3.22 6.44
C THR D 76 -17.26 -4.56 6.09
N ASP D 77 -18.58 -4.67 6.00
CA ASP D 77 -19.28 -5.93 5.75
C ASP D 77 -20.19 -5.75 4.55
N PHE D 78 -20.12 -6.66 3.59
CA PHE D 78 -20.83 -6.50 2.34
C PHE D 78 -21.47 -7.83 1.95
N THR D 79 -22.58 -7.74 1.21
CA THR D 79 -23.31 -8.92 0.77
C THR D 79 -23.69 -8.76 -0.69
N LEU D 80 -23.43 -9.79 -1.48
CA LEU D 80 -23.91 -9.90 -2.85
C LEU D 80 -25.09 -10.87 -2.87
N LYS D 81 -26.19 -10.43 -3.46
CA LYS D 81 -27.42 -11.21 -3.49
C LYS D 81 -27.88 -11.44 -4.93
N ILE D 82 -28.26 -12.67 -5.22
CA ILE D 82 -28.97 -13.03 -6.45
C ILE D 82 -30.38 -13.43 -6.03
N SER D 83 -31.38 -12.66 -6.45
CA SER D 83 -32.75 -12.89 -5.98
C SER D 83 -33.26 -14.27 -6.43
N ARG D 84 -33.01 -14.62 -7.69
CA ARG D 84 -33.33 -15.96 -8.19
C ARG D 84 -32.18 -16.42 -9.08
N VAL D 85 -31.51 -17.48 -8.64
CA VAL D 85 -30.33 -17.97 -9.34
C VAL D 85 -30.72 -18.61 -10.67
N GLU D 86 -29.93 -18.32 -11.70
CA GLU D 86 -30.09 -18.92 -13.02
C GLU D 86 -28.84 -19.73 -13.34
N ALA D 87 -28.93 -20.52 -14.42
CA ALA D 87 -27.84 -21.44 -14.73
C ALA D 87 -26.52 -20.71 -14.97
N GLU D 88 -26.58 -19.55 -15.62
CA GLU D 88 -25.36 -18.83 -15.95
C GLU D 88 -24.68 -18.21 -14.74
N ASP D 89 -25.29 -18.30 -13.56
CA ASP D 89 -24.72 -17.71 -12.36
C ASP D 89 -23.68 -18.59 -11.68
N LEU D 90 -23.37 -19.76 -12.26
CA LEU D 90 -22.32 -20.60 -11.71
C LEU D 90 -20.98 -19.89 -11.75
N GLY D 91 -20.05 -20.36 -10.94
CA GLY D 91 -18.71 -19.81 -11.03
C GLY D 91 -18.16 -19.48 -9.67
N VAL D 92 -17.15 -18.61 -9.67
CA VAL D 92 -16.52 -18.14 -8.46
C VAL D 92 -16.74 -16.63 -8.36
N TYR D 93 -17.19 -16.18 -7.20
CA TYR D 93 -17.45 -14.77 -6.94
C TYR D 93 -16.36 -14.23 -6.03
N TYR D 94 -15.82 -13.06 -6.38
CA TYR D 94 -14.79 -12.41 -5.59
C TYR D 94 -15.24 -11.02 -5.19
N CYS D 95 -14.85 -10.60 -3.99
CA CYS D 95 -14.88 -9.19 -3.65
C CYS D 95 -13.51 -8.59 -3.88
N LEU D 96 -13.49 -7.34 -4.33
CA LEU D 96 -12.27 -6.61 -4.63
C LEU D 96 -12.41 -5.22 -4.03
N GLN D 97 -11.49 -4.84 -3.14
CA GLN D 97 -11.50 -3.50 -2.57
C GLN D 97 -10.57 -2.59 -3.35
N GLY D 98 -11.03 -1.37 -3.59
CA GLY D 98 -10.27 -0.42 -4.36
C GLY D 98 -9.97 0.86 -3.60
N THR D 99 -10.17 0.84 -2.29
CA THR D 99 -9.98 2.03 -1.46
C THR D 99 -8.52 2.22 -1.04
N TYR D 100 -7.87 1.15 -0.57
CA TYR D 100 -6.52 1.24 -0.04
C TYR D 100 -5.55 0.49 -0.94
N TYR D 101 -4.40 1.11 -1.19
CA TYR D 101 -3.36 0.48 -1.98
C TYR D 101 -2.69 -0.64 -1.18
N PRO D 102 -2.45 -1.81 -1.80
CA PRO D 102 -2.81 -2.19 -3.17
C PRO D 102 -4.19 -2.80 -3.25
N PHE D 103 -4.74 -2.94 -4.47
CA PHE D 103 -5.95 -3.73 -4.66
C PHE D 103 -5.79 -5.10 -4.00
N THR D 104 -6.85 -5.55 -3.32
CA THR D 104 -6.86 -6.90 -2.77
C THR D 104 -8.20 -7.56 -3.02
N PHE D 105 -8.14 -8.82 -3.47
CA PHE D 105 -9.31 -9.65 -3.71
C PHE D 105 -9.58 -10.55 -2.51
N GLY D 106 -10.81 -11.02 -2.41
CA GLY D 106 -11.13 -12.07 -1.46
C GLY D 106 -10.72 -13.42 -2.00
N SER D 107 -10.89 -14.45 -1.16
CA SER D 107 -10.51 -15.80 -1.55
C SER D 107 -11.37 -16.31 -2.70
N GLY D 108 -12.62 -15.86 -2.79
CA GLY D 108 -13.49 -16.38 -3.82
C GLY D 108 -14.49 -17.34 -3.22
N THR D 109 -15.72 -17.30 -3.71
CA THR D 109 -16.80 -18.17 -3.26
C THR D 109 -17.33 -18.95 -4.46
N LYS D 110 -17.27 -20.27 -4.39
CA LYS D 110 -17.72 -21.13 -5.48
C LYS D 110 -19.21 -21.37 -5.35
N LEU D 111 -19.96 -21.06 -6.41
CA LEU D 111 -21.40 -21.27 -6.44
C LEU D 111 -21.71 -22.42 -7.38
N GLU D 112 -22.28 -23.49 -6.83
CA GLU D 112 -22.82 -24.57 -7.65
C GLU D 112 -24.33 -24.38 -7.77
N ILE D 113 -24.84 -24.65 -8.97
CA ILE D 113 -26.27 -24.56 -9.24
C ILE D 113 -26.87 -25.94 -9.05
N LYS D 114 -27.86 -26.06 -8.17
CA LYS D 114 -28.59 -27.30 -8.00
C LYS D 114 -29.71 -27.40 -9.03
N ARG D 115 -29.90 -28.60 -9.55
CA ARG D 115 -30.95 -28.86 -10.53
C ARG D 115 -31.52 -30.23 -10.21
N THR D 116 -32.49 -30.67 -11.01
CA THR D 116 -33.07 -31.98 -10.79
C THR D 116 -32.06 -33.06 -11.15
N VAL D 117 -32.23 -34.24 -10.53
CA VAL D 117 -31.39 -35.38 -10.82
C VAL D 117 -31.49 -35.75 -12.29
N ALA D 118 -30.35 -35.99 -12.92
CA ALA D 118 -30.31 -36.40 -14.32
C ALA D 118 -29.34 -37.56 -14.46
N ALA D 119 -29.81 -38.65 -15.01
CA ALA D 119 -28.95 -39.81 -15.19
C ALA D 119 -28.02 -39.59 -16.38
N PRO D 120 -26.81 -40.15 -16.33
CA PRO D 120 -25.88 -39.96 -17.45
C PRO D 120 -26.24 -40.86 -18.63
N SER D 121 -26.03 -40.31 -19.82
CA SER D 121 -25.92 -41.14 -21.02
C SER D 121 -24.50 -41.65 -21.14
N VAL D 122 -24.36 -42.96 -21.35
CA VAL D 122 -23.07 -43.65 -21.30
C VAL D 122 -22.67 -44.09 -22.70
N PHE D 123 -21.43 -43.76 -23.08
CA PHE D 123 -20.87 -44.15 -24.36
C PHE D 123 -19.49 -44.74 -24.13
N ILE D 124 -19.11 -45.71 -24.97
CA ILE D 124 -17.78 -46.31 -24.90
C ILE D 124 -17.13 -46.23 -26.28
N PHE D 125 -15.82 -46.00 -26.30
CA PHE D 125 -15.07 -45.87 -27.54
C PHE D 125 -13.89 -46.81 -27.54
N PRO D 126 -13.83 -47.78 -28.46
CA PRO D 126 -12.64 -48.63 -28.56
C PRO D 126 -11.44 -47.82 -29.00
N PRO D 127 -10.22 -48.33 -28.82
CA PRO D 127 -9.05 -47.61 -29.31
C PRO D 127 -9.04 -47.57 -30.83
N SER D 128 -8.54 -46.46 -31.37
CA SER D 128 -8.45 -46.32 -32.82
C SER D 128 -7.31 -47.17 -33.36
N ASP D 129 -7.46 -47.59 -34.62
CA ASP D 129 -6.38 -48.34 -35.29
C ASP D 129 -5.11 -47.52 -35.35
N GLU D 130 -5.23 -46.20 -35.51
CA GLU D 130 -4.06 -45.34 -35.55
C GLU D 130 -3.26 -45.46 -34.25
N GLN D 131 -3.94 -45.46 -33.10
CA GLN D 131 -3.25 -45.60 -31.82
C GLN D 131 -2.69 -46.99 -31.64
N LEU D 132 -3.41 -48.02 -32.11
CA LEU D 132 -2.94 -49.39 -31.93
C LEU D 132 -1.61 -49.63 -32.62
N LYS D 133 -1.39 -49.00 -33.78
CA LYS D 133 -0.11 -49.17 -34.46
C LYS D 133 1.04 -48.60 -33.65
N SER D 134 0.77 -47.62 -32.79
CA SER D 134 1.81 -47.06 -31.94
C SER D 134 2.09 -47.93 -30.71
N GLY D 135 1.32 -48.98 -30.49
CA GLY D 135 1.61 -49.93 -29.42
C GLY D 135 0.80 -49.76 -28.16
N THR D 136 -0.10 -48.77 -28.10
CA THR D 136 -0.91 -48.54 -26.90
C THR D 136 -2.38 -48.53 -27.27
N ALA D 137 -3.22 -48.87 -26.30
CA ALA D 137 -4.67 -48.92 -26.50
C ALA D 137 -5.37 -48.18 -25.37
N SER D 138 -6.06 -47.10 -25.71
CA SER D 138 -6.84 -46.32 -24.76
C SER D 138 -8.33 -46.55 -25.03
N VAL D 139 -9.04 -47.03 -24.02
CA VAL D 139 -10.48 -47.25 -24.09
C VAL D 139 -11.15 -46.19 -23.25
N VAL D 140 -12.13 -45.50 -23.82
CA VAL D 140 -12.75 -44.33 -23.20
C VAL D 140 -14.21 -44.64 -22.92
N CYS D 141 -14.63 -44.38 -21.68
CA CYS D 141 -16.02 -44.45 -21.26
C CYS D 141 -16.48 -43.02 -20.96
N LEU D 142 -17.57 -42.61 -21.59
CA LEU D 142 -18.07 -41.25 -21.48
C LEU D 142 -19.40 -41.25 -20.75
N LEU D 143 -19.48 -40.44 -19.70
CA LEU D 143 -20.72 -40.21 -18.95
C LEU D 143 -21.13 -38.77 -19.20
N ASN D 144 -22.28 -38.58 -19.84
CA ASN D 144 -22.66 -37.29 -20.41
C ASN D 144 -23.84 -36.71 -19.67
N ASN D 145 -23.72 -35.44 -19.27
CA ASN D 145 -24.82 -34.60 -18.81
C ASN D 145 -25.62 -35.26 -17.68
N PHE D 146 -24.97 -35.37 -16.53
CA PHE D 146 -25.62 -35.92 -15.35
C PHE D 146 -25.56 -34.92 -14.22
N TYR D 147 -26.39 -35.16 -13.20
CA TYR D 147 -26.42 -34.38 -11.97
C TYR D 147 -27.07 -35.25 -10.91
N PRO D 148 -26.55 -35.28 -9.68
CA PRO D 148 -25.37 -34.55 -9.21
C PRO D 148 -24.05 -35.13 -9.69
N ARG D 149 -22.94 -34.51 -9.25
CA ARG D 149 -21.63 -34.75 -9.83
C ARG D 149 -21.05 -36.12 -9.46
N GLU D 150 -21.41 -36.65 -8.29
CA GLU D 150 -20.84 -37.92 -7.84
C GLU D 150 -21.31 -39.06 -8.73
N ALA D 151 -20.36 -39.87 -9.20
CA ALA D 151 -20.64 -41.03 -10.03
C ALA D 151 -19.50 -42.04 -9.87
N LYS D 152 -19.83 -43.31 -10.09
CA LYS D 152 -18.87 -44.40 -10.00
C LYS D 152 -18.74 -45.07 -11.36
N VAL D 153 -17.49 -45.32 -11.77
CA VAL D 153 -17.18 -45.98 -13.03
C VAL D 153 -16.23 -47.12 -12.74
N GLN D 154 -16.62 -48.34 -13.11
CA GLN D 154 -15.75 -49.51 -12.95
C GLN D 154 -15.52 -50.16 -14.30
N TRP D 155 -14.28 -50.57 -14.56
CA TRP D 155 -13.91 -51.25 -15.78
C TRP D 155 -13.92 -52.76 -15.55
N LYS D 156 -14.47 -53.49 -16.52
CA LYS D 156 -14.45 -54.94 -16.51
C LYS D 156 -13.93 -55.42 -17.86
N VAL D 157 -12.98 -56.34 -17.83
CA VAL D 157 -12.40 -56.90 -19.04
C VAL D 157 -12.54 -58.41 -18.96
N ASP D 158 -13.34 -58.98 -19.87
CA ASP D 158 -13.74 -60.39 -19.78
C ASP D 158 -14.32 -60.70 -18.41
N ASN D 159 -15.16 -59.78 -17.94
CA ASN D 159 -15.85 -59.86 -16.64
C ASN D 159 -14.88 -59.88 -15.47
N ALA D 160 -13.65 -59.43 -15.66
CA ALA D 160 -12.68 -59.31 -14.57
C ALA D 160 -12.53 -57.84 -14.23
N LEU D 161 -12.78 -57.49 -12.97
CA LEU D 161 -12.73 -56.10 -12.54
C LEU D 161 -11.28 -55.59 -12.58
N GLN D 162 -11.13 -54.35 -13.04
CA GLN D 162 -9.83 -53.72 -13.23
C GLN D 162 -9.56 -52.70 -12.14
N SER D 163 -8.28 -52.57 -11.78
CA SER D 163 -7.85 -51.46 -10.94
C SER D 163 -6.40 -51.13 -11.28
N GLY D 164 -6.07 -49.85 -11.26
CA GLY D 164 -4.70 -49.40 -11.44
C GLY D 164 -4.28 -49.05 -12.85
N ASN D 165 -5.21 -49.08 -13.82
CA ASN D 165 -4.86 -48.82 -15.21
C ASN D 165 -5.83 -47.84 -15.88
N SER D 166 -6.60 -47.09 -15.11
CA SER D 166 -7.54 -46.13 -15.67
C SER D 166 -7.39 -44.78 -14.98
N GLN D 167 -7.79 -43.73 -15.69
CA GLN D 167 -7.84 -42.38 -15.15
C GLN D 167 -9.16 -41.73 -15.55
N GLU D 168 -9.72 -40.92 -14.64
CA GLU D 168 -10.98 -40.25 -14.90
C GLU D 168 -10.85 -38.74 -14.74
N SER D 169 -11.76 -38.03 -15.40
CA SER D 169 -11.77 -36.57 -15.34
C SER D 169 -13.21 -36.10 -15.46
N VAL D 170 -13.61 -35.17 -14.60
CA VAL D 170 -14.97 -34.64 -14.59
C VAL D 170 -14.90 -33.20 -15.05
N THR D 171 -15.86 -32.79 -15.87
CA THR D 171 -15.89 -31.43 -16.35
C THR D 171 -16.29 -30.47 -15.24
N GLU D 172 -16.12 -29.19 -15.53
CA GLU D 172 -16.77 -28.15 -14.77
C GLU D 172 -18.28 -28.20 -15.01
N GLN D 173 -19.03 -27.57 -14.10
CA GLN D 173 -20.48 -27.52 -14.25
C GLN D 173 -20.85 -26.76 -15.53
N ASP D 174 -21.78 -27.33 -16.27
CA ASP D 174 -22.24 -26.73 -17.53
C ASP D 174 -23.04 -25.45 -17.26
N SER D 175 -22.77 -24.42 -18.05
CA SER D 175 -23.39 -23.12 -17.83
C SER D 175 -24.82 -23.03 -18.39
N LYS D 176 -25.28 -24.04 -19.11
CA LYS D 176 -26.61 -24.02 -19.72
C LYS D 176 -27.60 -24.98 -19.07
N ASP D 177 -27.22 -26.24 -18.86
CA ASP D 177 -28.10 -27.23 -18.24
C ASP D 177 -27.63 -27.65 -16.85
N SER D 178 -26.58 -27.02 -16.32
CA SER D 178 -26.09 -27.24 -14.96
C SER D 178 -25.71 -28.69 -14.67
N THR D 179 -25.37 -29.46 -15.70
CA THR D 179 -24.97 -30.85 -15.52
C THR D 179 -23.45 -30.95 -15.48
N TYR D 180 -22.98 -32.18 -15.25
CA TYR D 180 -21.57 -32.52 -15.29
C TYR D 180 -21.36 -33.61 -16.32
N SER D 181 -20.12 -33.76 -16.77
CA SER D 181 -19.73 -34.87 -17.62
C SER D 181 -18.43 -35.47 -17.11
N LEU D 182 -18.25 -36.76 -17.35
CA LEU D 182 -17.11 -37.50 -16.85
C LEU D 182 -16.58 -38.41 -17.94
N SER D 183 -15.25 -38.55 -18.00
CA SER D 183 -14.62 -39.52 -18.88
C SER D 183 -13.69 -40.38 -18.05
N SER D 184 -13.74 -41.68 -18.27
CA SER D 184 -12.79 -42.62 -17.69
C SER D 184 -12.05 -43.31 -18.82
N THR D 185 -10.73 -43.27 -18.77
CA THR D 185 -9.89 -43.80 -19.83
C THR D 185 -9.09 -44.98 -19.30
N LEU D 186 -9.35 -46.17 -19.85
CA LEU D 186 -8.58 -47.37 -19.56
C LEU D 186 -7.46 -47.49 -20.58
N THR D 187 -6.22 -47.56 -20.12
CA THR D 187 -5.06 -47.58 -20.99
C THR D 187 -4.27 -48.87 -20.82
N LEU D 188 -4.07 -49.58 -21.92
CA LEU D 188 -3.35 -50.85 -21.94
C LEU D 188 -2.34 -50.81 -23.07
N SER D 189 -1.38 -51.73 -23.02
CA SER D 189 -0.51 -51.92 -24.16
C SER D 189 -1.23 -52.72 -25.24
N LYS D 190 -0.72 -52.61 -26.47
CA LYS D 190 -1.29 -53.38 -27.57
C LYS D 190 -1.26 -54.88 -27.26
N ALA D 191 -0.19 -55.33 -26.59
CA ALA D 191 -0.10 -56.74 -26.21
C ALA D 191 -1.24 -57.11 -25.26
N ASP D 192 -1.39 -56.35 -24.17
CA ASP D 192 -2.42 -56.67 -23.19
C ASP D 192 -3.82 -56.49 -23.75
N TYR D 193 -4.01 -55.49 -24.62
CA TYR D 193 -5.32 -55.27 -25.23
C TYR D 193 -5.76 -56.47 -26.09
N GLU D 194 -4.81 -57.05 -26.83
CA GLU D 194 -5.13 -58.18 -27.71
C GLU D 194 -5.26 -59.51 -26.98
N LYS D 195 -4.94 -59.55 -25.69
CA LYS D 195 -5.11 -60.78 -24.92
C LYS D 195 -6.56 -61.04 -24.53
N HIS D 196 -7.41 -60.01 -24.54
CA HIS D 196 -8.77 -60.11 -24.05
C HIS D 196 -9.75 -59.70 -25.15
N LYS D 197 -11.04 -59.99 -24.92
CA LYS D 197 -12.06 -59.76 -25.94
C LYS D 197 -13.11 -58.73 -25.54
N VAL D 198 -13.72 -58.87 -24.37
CA VAL D 198 -14.87 -58.04 -23.98
C VAL D 198 -14.37 -56.93 -23.06
N TYR D 199 -14.68 -55.69 -23.43
CA TYR D 199 -14.31 -54.50 -22.66
C TYR D 199 -15.58 -53.75 -22.30
N ALA D 200 -15.72 -53.41 -21.01
CA ALA D 200 -16.96 -52.84 -20.52
C ALA D 200 -16.68 -51.85 -19.40
N CYS D 201 -17.50 -50.80 -19.33
CA CYS D 201 -17.52 -49.90 -18.19
C CYS D 201 -18.90 -49.95 -17.54
N GLU D 202 -18.91 -50.09 -16.22
CA GLU D 202 -20.13 -50.20 -15.43
C GLU D 202 -20.29 -48.90 -14.64
N VAL D 203 -21.45 -48.26 -14.79
CA VAL D 203 -21.67 -46.91 -14.31
C VAL D 203 -22.73 -46.92 -13.21
N THR D 204 -22.39 -46.30 -12.07
CA THR D 204 -23.32 -46.13 -10.96
C THR D 204 -23.56 -44.65 -10.75
N HIS D 205 -24.83 -44.27 -10.64
CA HIS D 205 -25.17 -42.87 -10.44
C HIS D 205 -26.51 -42.80 -9.72
N GLN D 206 -26.70 -41.70 -9.00
CA GLN D 206 -27.90 -41.54 -8.18
C GLN D 206 -29.16 -41.66 -9.02
N GLY D 207 -29.13 -41.19 -10.27
CA GLY D 207 -30.24 -41.23 -11.19
C GLY D 207 -30.51 -42.58 -11.82
N LEU D 208 -29.66 -43.56 -11.56
CA LEU D 208 -29.83 -44.93 -12.04
C LEU D 208 -30.25 -45.83 -10.89
N SER D 209 -31.24 -46.69 -11.14
CA SER D 209 -31.67 -47.64 -10.13
C SER D 209 -30.75 -48.85 -10.07
N SER D 210 -30.17 -49.24 -11.18
CA SER D 210 -29.16 -50.29 -11.27
C SER D 210 -28.00 -49.80 -12.13
N PRO D 211 -26.81 -50.40 -11.99
CA PRO D 211 -25.67 -49.98 -12.83
C PRO D 211 -25.94 -50.21 -14.32
N VAL D 212 -25.36 -49.34 -15.14
CA VAL D 212 -25.46 -49.40 -16.60
C VAL D 212 -24.13 -49.85 -17.16
N THR D 213 -24.18 -50.80 -18.10
CA THR D 213 -22.98 -51.40 -18.69
C THR D 213 -22.96 -51.13 -20.19
N LYS D 214 -21.88 -50.54 -20.68
CA LYS D 214 -21.61 -50.39 -22.11
C LYS D 214 -20.36 -51.21 -22.44
N SER D 215 -20.49 -52.12 -23.39
CA SER D 215 -19.42 -53.05 -23.70
C SER D 215 -19.22 -53.17 -25.20
N PHE D 216 -18.03 -53.64 -25.58
CA PHE D 216 -17.78 -54.01 -26.96
C PHE D 216 -16.85 -55.21 -26.96
N ASN D 217 -16.84 -55.92 -28.08
CA ASN D 217 -15.92 -57.02 -28.30
C ASN D 217 -14.79 -56.53 -29.21
N ARG D 218 -13.55 -56.81 -28.81
CA ARG D 218 -12.42 -56.37 -29.63
C ARG D 218 -12.49 -57.02 -31.00
N GLY D 219 -12.54 -56.19 -32.03
CA GLY D 219 -12.59 -56.65 -33.41
C GLY D 219 -13.93 -56.49 -34.09
N GLU D 220 -14.95 -55.97 -33.39
CA GLU D 220 -16.23 -55.70 -34.03
C GLU D 220 -16.35 -54.20 -34.32
N GLN E 3 -11.57 -6.86 -26.89
CA GLN E 3 -10.89 -5.57 -26.97
C GLN E 3 -9.45 -5.68 -26.44
N LEU E 4 -9.15 -6.78 -25.77
CA LEU E 4 -7.81 -7.06 -25.26
C LEU E 4 -7.42 -8.46 -25.68
N GLN E 5 -6.28 -8.57 -26.38
CA GLN E 5 -5.78 -9.85 -26.88
C GLN E 5 -4.42 -10.12 -26.27
N GLN E 6 -4.31 -11.21 -25.52
CA GLN E 6 -3.06 -11.58 -24.86
C GLN E 6 -2.29 -12.60 -25.67
N SER E 7 -0.99 -12.69 -25.40
CA SER E 7 -0.11 -13.63 -26.08
C SER E 7 -0.34 -15.04 -25.55
N GLY E 8 0.27 -16.02 -26.23
CA GLY E 8 -0.01 -17.41 -25.98
C GLY E 8 0.67 -17.94 -24.74
N PRO E 9 0.35 -19.19 -24.40
CA PRO E 9 0.94 -19.80 -23.20
C PRO E 9 2.44 -20.03 -23.36
N GLU E 10 3.13 -20.01 -22.22
CA GLU E 10 4.58 -20.04 -22.19
C GLU E 10 5.08 -21.16 -21.29
N LEU E 11 6.14 -21.83 -21.74
CA LEU E 11 6.93 -22.72 -20.91
C LEU E 11 8.25 -22.03 -20.62
N VAL E 12 8.54 -21.82 -19.34
CA VAL E 12 9.70 -21.03 -18.90
C VAL E 12 10.56 -21.89 -18.01
N LYS E 13 11.85 -21.93 -18.28
CA LYS E 13 12.78 -22.64 -17.42
C LYS E 13 12.97 -21.88 -16.12
N PRO E 14 13.14 -22.59 -15.00
CA PRO E 14 13.31 -21.88 -13.72
C PRO E 14 14.55 -21.01 -13.76
N GLY E 15 14.38 -19.75 -13.36
CA GLY E 15 15.43 -18.77 -13.39
C GLY E 15 15.41 -17.88 -14.62
N ALA E 16 14.70 -18.29 -15.67
CA ALA E 16 14.63 -17.48 -16.86
C ALA E 16 13.56 -16.40 -16.70
N SER E 17 13.37 -15.61 -17.75
CA SER E 17 12.36 -14.57 -17.77
C SER E 17 11.41 -14.81 -18.94
N VAL E 18 10.24 -14.18 -18.86
CA VAL E 18 9.27 -14.25 -19.93
C VAL E 18 8.59 -12.90 -20.04
N LYS E 19 8.19 -12.56 -21.25
CA LYS E 19 7.49 -11.31 -21.52
C LYS E 19 6.19 -11.66 -22.23
N ILE E 20 5.07 -11.29 -21.64
CA ILE E 20 3.78 -11.55 -22.24
C ILE E 20 3.17 -10.20 -22.63
N SER E 21 2.35 -10.24 -23.68
CA SER E 21 1.84 -9.03 -24.29
C SER E 21 0.33 -8.99 -24.18
N CYS E 22 -0.20 -7.78 -24.28
CA CYS E 22 -1.65 -7.54 -24.24
C CYS E 22 -1.94 -6.50 -25.32
N LYS E 23 -2.46 -6.96 -26.45
CA LYS E 23 -2.76 -6.08 -27.57
C LYS E 23 -4.13 -5.46 -27.37
N ALA E 24 -4.20 -4.14 -27.44
CA ALA E 24 -5.45 -3.40 -27.27
C ALA E 24 -6.02 -3.00 -28.61
N SER E 25 -7.34 -2.90 -28.68
CA SER E 25 -8.03 -2.56 -29.91
C SER E 25 -9.38 -1.93 -29.59
N GLY E 26 -9.78 -0.97 -30.43
CA GLY E 26 -11.12 -0.43 -30.38
C GLY E 26 -11.35 0.69 -29.38
N TYR E 27 -10.30 1.19 -28.74
CA TYR E 27 -10.45 2.29 -27.79
C TYR E 27 -9.17 3.10 -27.74
N SER E 28 -9.25 4.27 -27.11
CA SER E 28 -8.10 5.16 -26.99
C SER E 28 -7.10 4.58 -26.00
N PHE E 29 -5.98 4.10 -26.53
CA PHE E 29 -5.02 3.36 -25.72
C PHE E 29 -4.48 4.20 -24.56
N THR E 30 -4.19 5.48 -24.81
CA THR E 30 -3.55 6.32 -23.80
C THR E 30 -4.52 6.82 -22.73
N GLY E 31 -5.81 6.59 -22.89
CA GLY E 31 -6.79 7.13 -21.97
C GLY E 31 -7.19 6.27 -20.78
N TYR E 32 -6.67 5.04 -20.67
CA TYR E 32 -7.14 4.13 -19.64
C TYR E 32 -5.99 3.31 -19.07
N TYR E 33 -6.02 3.09 -17.76
CA TYR E 33 -5.00 2.27 -17.12
C TYR E 33 -5.09 0.83 -17.60
N MET E 34 -3.94 0.20 -17.73
CA MET E 34 -3.85 -1.23 -18.03
C MET E 34 -3.29 -1.94 -16.79
N HIS E 35 -4.08 -2.85 -16.24
CA HIS E 35 -3.71 -3.56 -15.02
C HIS E 35 -3.40 -5.03 -15.33
N TRP E 36 -2.63 -5.65 -14.45
CA TRP E 36 -2.29 -7.05 -14.58
C TRP E 36 -2.64 -7.78 -13.29
N VAL E 37 -3.19 -8.98 -13.43
CA VAL E 37 -3.69 -9.75 -12.29
C VAL E 37 -3.16 -11.17 -12.43
N LYS E 38 -2.73 -11.73 -11.30
CA LYS E 38 -2.24 -13.11 -11.26
C LYS E 38 -3.30 -13.99 -10.61
N GLN E 39 -3.61 -15.10 -11.27
CA GLN E 39 -4.54 -16.08 -10.72
C GLN E 39 -3.77 -17.37 -10.51
N SER E 40 -3.53 -17.71 -9.25
CA SER E 40 -2.81 -18.93 -8.98
C SER E 40 -3.72 -20.14 -9.23
N HIS E 41 -3.07 -21.30 -9.40
CA HIS E 41 -3.79 -22.56 -9.57
C HIS E 41 -4.92 -22.74 -8.55
N VAL E 42 -4.81 -22.11 -7.38
CA VAL E 42 -5.80 -22.24 -6.31
C VAL E 42 -7.09 -21.47 -6.59
N LYS E 43 -7.13 -20.62 -7.64
CA LYS E 43 -8.28 -19.79 -7.99
C LYS E 43 -8.34 -18.54 -7.10
N SER E 44 -7.18 -17.97 -6.82
CA SER E 44 -7.02 -16.79 -5.99
C SER E 44 -6.42 -15.69 -6.86
N LEU E 45 -6.79 -14.44 -6.57
CA LEU E 45 -6.44 -13.32 -7.43
C LEU E 45 -5.58 -12.31 -6.68
N GLU E 46 -4.49 -11.88 -7.32
CA GLU E 46 -3.60 -10.87 -6.77
C GLU E 46 -3.36 -9.81 -7.83
N TRP E 47 -3.49 -8.54 -7.44
CA TRP E 47 -3.20 -7.43 -8.34
C TRP E 47 -1.69 -7.23 -8.42
N ILE E 48 -1.16 -7.24 -9.64
CA ILE E 48 0.27 -7.08 -9.88
C ILE E 48 0.64 -5.60 -9.99
N GLY E 49 -0.04 -4.87 -10.85
CA GLY E 49 0.25 -3.46 -11.01
C GLY E 49 -0.50 -2.87 -12.19
N ARG E 50 -0.30 -1.57 -12.38
CA ARG E 50 -0.93 -0.83 -13.48
C ARG E 50 0.10 0.06 -14.14
N ILE E 51 -0.23 0.51 -15.35
CA ILE E 51 0.64 1.39 -16.13
C ILE E 51 -0.23 2.37 -16.88
N ASP E 52 0.20 3.64 -16.93
CA ASP E 52 -0.49 4.67 -17.70
C ASP E 52 0.10 4.67 -19.10
N PRO E 53 -0.60 4.17 -20.12
CA PRO E 53 0.00 4.09 -21.45
C PRO E 53 0.34 5.44 -22.05
N TYR E 54 -0.21 6.54 -21.52
CA TYR E 54 0.12 7.86 -22.04
C TYR E 54 1.60 8.17 -21.84
N ASP E 55 2.11 7.95 -20.62
CA ASP E 55 3.49 8.28 -20.28
C ASP E 55 4.27 7.08 -19.77
N GLY E 56 3.69 5.88 -19.78
CA GLY E 56 4.42 4.72 -19.31
C GLY E 56 4.67 4.68 -17.82
N ALA E 57 4.06 5.58 -17.05
CA ALA E 57 4.18 5.53 -15.60
C ALA E 57 3.56 4.25 -15.07
N THR E 58 4.22 3.63 -14.09
CA THR E 58 3.79 2.35 -13.53
C THR E 58 3.58 2.47 -12.04
N SER E 59 2.60 1.72 -11.54
CA SER E 59 2.41 1.51 -10.11
C SER E 59 2.38 0.01 -9.87
N TYR E 60 3.10 -0.46 -8.85
CA TYR E 60 3.25 -1.88 -8.60
C TYR E 60 2.75 -2.26 -7.21
N ASN E 61 2.17 -3.45 -7.13
CA ASN E 61 2.02 -4.14 -5.86
C ASN E 61 3.41 -4.45 -5.33
N GLN E 62 3.64 -4.14 -4.04
CA GLN E 62 4.99 -4.28 -3.47
C GLN E 62 5.51 -5.72 -3.58
N ASN E 63 4.61 -6.70 -3.63
CA ASN E 63 5.05 -8.10 -3.71
C ASN E 63 5.72 -8.44 -5.04
N PHE E 64 5.45 -7.66 -6.10
CA PHE E 64 5.90 -7.99 -7.44
C PHE E 64 6.95 -7.04 -8.01
N LYS E 65 7.51 -6.13 -7.22
CA LYS E 65 8.41 -5.12 -7.79
C LYS E 65 9.67 -5.74 -8.41
N ASP E 66 10.27 -6.73 -7.75
CA ASP E 66 11.42 -7.40 -8.31
C ASP E 66 11.05 -8.60 -9.17
N LYS E 67 9.76 -8.92 -9.28
CA LYS E 67 9.30 -10.03 -10.12
C LYS E 67 8.75 -9.58 -11.46
N ALA E 68 8.10 -8.42 -11.53
CA ALA E 68 7.43 -7.96 -12.74
C ALA E 68 7.82 -6.54 -13.08
N SER E 69 7.78 -6.22 -14.38
CA SER E 69 7.98 -4.86 -14.87
C SER E 69 7.08 -4.63 -16.08
N LEU E 70 6.34 -3.53 -16.07
CA LEU E 70 5.33 -3.24 -17.08
C LEU E 70 5.84 -2.18 -18.04
N THR E 71 5.61 -2.40 -19.34
CA THR E 71 5.97 -1.46 -20.38
C THR E 71 4.83 -1.37 -21.38
N VAL E 72 4.88 -0.34 -22.24
CA VAL E 72 3.88 -0.14 -23.28
C VAL E 72 4.59 0.25 -24.57
N ASP E 73 3.95 -0.07 -25.70
CA ASP E 73 4.33 0.44 -27.02
C ASP E 73 3.12 1.17 -27.61
N LYS E 74 3.19 2.50 -27.68
CA LYS E 74 2.04 3.29 -28.10
C LYS E 74 1.68 3.04 -29.56
N SER E 75 2.68 2.85 -30.42
CA SER E 75 2.43 2.74 -31.85
C SER E 75 1.61 1.50 -32.19
N SER E 76 1.80 0.40 -31.46
CA SER E 76 1.04 -0.82 -31.68
C SER E 76 -0.05 -1.04 -30.64
N THR E 77 -0.25 -0.08 -29.73
CA THR E 77 -1.27 -0.16 -28.67
C THR E 77 -1.22 -1.52 -27.97
N THR E 78 -0.01 -1.90 -27.54
CA THR E 78 0.23 -3.15 -26.84
C THR E 78 0.87 -2.86 -25.49
N GLY E 79 0.41 -3.57 -24.47
CA GLY E 79 1.04 -3.54 -23.16
C GLY E 79 1.86 -4.80 -22.95
N PHE E 80 2.92 -4.67 -22.14
CA PHE E 80 3.81 -5.79 -21.88
C PHE E 80 4.03 -5.95 -20.39
N MET E 81 4.18 -7.21 -19.96
CA MET E 81 4.64 -7.54 -18.63
C MET E 81 5.77 -8.54 -18.75
N GLU E 82 6.90 -8.22 -18.12
CA GLU E 82 8.04 -9.13 -18.06
C GLU E 82 8.14 -9.67 -16.65
N LEU E 83 8.24 -10.99 -16.52
CA LEU E 83 8.43 -11.65 -15.25
C LEU E 83 9.86 -12.14 -15.15
N HIS E 84 10.52 -11.86 -14.03
CA HIS E 84 11.95 -12.05 -13.86
C HIS E 84 12.26 -13.21 -12.92
N SER E 85 13.26 -14.01 -13.29
CA SER E 85 13.86 -15.03 -12.42
C SER E 85 12.77 -15.93 -11.81
N LEU E 86 12.05 -16.63 -12.68
CA LEU E 86 10.84 -17.32 -12.28
C LEU E 86 11.14 -18.53 -11.38
N THR E 87 10.29 -18.73 -10.40
CA THR E 87 10.29 -19.90 -9.54
C THR E 87 8.99 -20.67 -9.75
N SER E 88 8.89 -21.84 -9.09
CA SER E 88 7.69 -22.66 -9.24
C SER E 88 6.44 -21.93 -8.77
N GLU E 89 6.57 -20.97 -7.86
CA GLU E 89 5.44 -20.19 -7.39
C GLU E 89 4.90 -19.24 -8.46
N ASP E 90 5.59 -19.08 -9.58
CA ASP E 90 5.17 -18.20 -10.66
C ASP E 90 4.34 -18.90 -11.73
N SER E 91 4.16 -20.22 -11.64
CA SER E 91 3.25 -20.92 -12.53
C SER E 91 1.82 -20.49 -12.20
N ALA E 92 1.17 -19.79 -13.13
CA ALA E 92 -0.17 -19.26 -12.91
C ALA E 92 -0.70 -18.74 -14.24
N VAL E 93 -1.94 -18.24 -14.20
CA VAL E 93 -2.56 -17.56 -15.33
C VAL E 93 -2.52 -16.06 -15.08
N TYR E 94 -2.04 -15.31 -16.06
CA TYR E 94 -1.87 -13.88 -15.92
C TYR E 94 -2.83 -13.17 -16.86
N TYR E 95 -3.60 -12.24 -16.29
CA TYR E 95 -4.56 -11.45 -17.04
C TYR E 95 -4.11 -10.01 -17.15
N CYS E 96 -4.50 -9.37 -18.25
CA CYS E 96 -4.51 -7.91 -18.34
C CYS E 96 -5.96 -7.46 -18.35
N ALA E 97 -6.20 -6.29 -17.77
CA ALA E 97 -7.54 -5.72 -17.73
C ALA E 97 -7.44 -4.22 -17.91
N ARG E 98 -8.46 -3.65 -18.55
CA ARG E 98 -8.57 -2.21 -18.70
C ARG E 98 -9.45 -1.67 -17.59
N GLU E 99 -9.00 -0.61 -16.93
CA GLU E 99 -9.82 0.07 -15.93
C GLU E 99 -10.67 1.09 -16.69
N GLY E 100 -11.90 0.70 -17.00
CA GLY E 100 -12.76 1.49 -17.84
C GLY E 100 -13.54 2.54 -17.08
N HIS E 101 -14.42 3.21 -17.84
CA HIS E 101 -15.20 4.34 -17.37
C HIS E 101 -16.67 4.06 -17.64
N TRP E 102 -17.51 4.29 -16.64
CA TRP E 102 -18.95 4.23 -16.84
C TRP E 102 -19.64 5.09 -15.79
N ASP E 103 -20.54 5.96 -16.25
CA ASP E 103 -21.36 6.77 -15.35
C ASP E 103 -20.49 7.57 -14.37
N GLY E 104 -19.35 8.05 -14.86
CA GLY E 104 -18.45 8.82 -14.04
C GLY E 104 -17.65 8.05 -13.01
N ASP E 105 -17.69 6.72 -13.05
CA ASP E 105 -16.96 5.88 -12.11
C ASP E 105 -16.06 4.91 -12.87
N TRP E 106 -15.04 4.41 -12.18
CA TRP E 106 -13.98 3.62 -12.79
C TRP E 106 -13.96 2.20 -12.21
N TYR E 107 -13.81 1.21 -13.10
CA TYR E 107 -13.66 -0.18 -12.71
C TYR E 107 -13.17 -0.98 -13.92
N PHE E 108 -12.70 -2.20 -13.65
CA PHE E 108 -12.20 -3.12 -14.67
C PHE E 108 -13.36 -3.57 -15.55
N ASP E 109 -13.47 -3.03 -16.76
CA ASP E 109 -14.58 -3.41 -17.63
C ASP E 109 -14.20 -4.33 -18.77
N VAL E 110 -12.93 -4.46 -19.10
CA VAL E 110 -12.47 -5.38 -20.15
C VAL E 110 -11.29 -6.18 -19.61
N TRP E 111 -11.32 -7.49 -19.84
CA TRP E 111 -10.25 -8.39 -19.44
C TRP E 111 -9.72 -9.15 -20.64
N GLY E 112 -8.42 -9.44 -20.62
CA GLY E 112 -7.87 -10.37 -21.57
C GLY E 112 -8.27 -11.80 -21.24
N ALA E 113 -8.02 -12.71 -22.19
CA ALA E 113 -8.37 -14.11 -21.95
C ALA E 113 -7.40 -14.78 -20.99
N GLY E 114 -6.22 -14.23 -20.77
CA GLY E 114 -5.30 -14.83 -19.85
C GLY E 114 -4.20 -15.61 -20.55
N THR E 115 -3.02 -15.59 -19.96
CA THR E 115 -1.86 -16.30 -20.49
C THR E 115 -1.33 -17.23 -19.41
N THR E 116 -1.26 -18.52 -19.73
CA THR E 116 -0.78 -19.54 -18.81
C THR E 116 0.74 -19.63 -18.90
N VAL E 117 1.41 -19.46 -17.76
CA VAL E 117 2.86 -19.59 -17.66
C VAL E 117 3.16 -20.80 -16.80
N THR E 118 3.95 -21.73 -17.34
CA THR E 118 4.41 -22.91 -16.61
C THR E 118 5.92 -22.82 -16.43
N VAL E 119 6.37 -22.94 -15.18
CA VAL E 119 7.79 -22.91 -14.84
C VAL E 119 8.24 -24.35 -14.67
N SER E 120 9.16 -24.78 -15.54
CA SER E 120 9.63 -26.16 -15.54
C SER E 120 10.92 -26.24 -16.33
N SER E 121 11.80 -27.15 -15.91
CA SER E 121 13.01 -27.45 -16.66
C SER E 121 12.79 -28.52 -17.71
N ALA E 122 11.62 -29.14 -17.75
CA ALA E 122 11.32 -30.17 -18.75
C ALA E 122 11.05 -29.53 -20.10
N SER E 123 11.42 -30.25 -21.15
CA SER E 123 11.17 -29.77 -22.50
C SER E 123 9.70 -29.99 -22.89
N THR E 124 9.24 -29.16 -23.84
CA THR E 124 7.87 -29.26 -24.33
C THR E 124 7.73 -30.45 -25.26
N LYS E 125 6.55 -31.06 -25.25
CA LYS E 125 6.24 -32.16 -26.15
C LYS E 125 4.86 -31.96 -26.75
N GLY E 126 4.77 -32.05 -28.08
CA GLY E 126 3.49 -31.94 -28.76
C GLY E 126 2.65 -33.19 -28.59
N PRO E 127 1.34 -33.03 -28.70
CA PRO E 127 0.43 -34.16 -28.53
C PRO E 127 0.26 -34.97 -29.80
N SER E 128 -0.13 -36.22 -29.62
CA SER E 128 -0.66 -37.06 -30.68
C SER E 128 -2.17 -37.13 -30.51
N VAL E 129 -2.90 -36.97 -31.62
CA VAL E 129 -4.35 -36.83 -31.62
C VAL E 129 -4.97 -38.07 -32.25
N PHE E 130 -5.91 -38.70 -31.54
CA PHE E 130 -6.58 -39.90 -32.01
C PHE E 130 -8.09 -39.70 -32.05
N PRO E 131 -8.79 -40.28 -33.03
CA PRO E 131 -10.24 -40.09 -33.12
C PRO E 131 -11.00 -41.05 -32.21
N LEU E 132 -12.02 -40.51 -31.56
CA LEU E 132 -13.02 -41.30 -30.84
C LEU E 132 -14.23 -41.38 -31.78
N ALA E 133 -14.28 -42.48 -32.56
CA ALA E 133 -15.25 -42.62 -33.65
C ALA E 133 -16.63 -43.03 -33.11
N PRO E 134 -17.69 -42.43 -33.63
CA PRO E 134 -19.04 -42.87 -33.25
C PRO E 134 -19.38 -44.23 -33.84
N SER E 135 -20.20 -44.98 -33.11
CA SER E 135 -20.66 -46.29 -33.53
C SER E 135 -21.96 -46.58 -32.78
N SER E 136 -22.47 -47.80 -32.91
CA SER E 136 -23.63 -48.21 -32.13
C SER E 136 -23.32 -48.16 -30.64
N LYS E 137 -22.05 -48.30 -30.27
CA LYS E 137 -21.64 -48.25 -28.86
C LYS E 137 -21.70 -46.85 -28.28
N SER E 138 -21.88 -45.82 -29.11
CA SER E 138 -21.91 -44.44 -28.65
C SER E 138 -23.16 -43.72 -29.13
N THR E 139 -24.30 -44.44 -29.19
CA THR E 139 -25.58 -43.84 -29.52
C THR E 139 -26.52 -43.89 -28.33
N SER E 140 -27.24 -42.79 -28.11
CA SER E 140 -28.23 -42.71 -27.04
C SER E 140 -29.35 -41.79 -27.49
N GLY E 141 -30.58 -42.29 -27.44
CA GLY E 141 -31.74 -41.47 -27.73
C GLY E 141 -31.71 -40.78 -29.08
N GLY E 142 -31.20 -41.46 -30.11
CA GLY E 142 -31.09 -40.86 -31.42
C GLY E 142 -29.92 -39.93 -31.62
N THR E 143 -29.04 -39.77 -30.63
CA THR E 143 -27.88 -38.92 -30.74
C THR E 143 -26.61 -39.77 -30.66
N ALA E 144 -25.54 -39.27 -31.28
CA ALA E 144 -24.26 -39.94 -31.25
C ALA E 144 -23.22 -39.06 -30.59
N ALA E 145 -22.28 -39.70 -29.90
CA ALA E 145 -21.15 -39.03 -29.29
C ALA E 145 -19.90 -39.38 -30.10
N LEU E 146 -19.10 -38.37 -30.40
CA LEU E 146 -17.80 -38.57 -31.03
C LEU E 146 -16.83 -37.60 -30.37
N GLY E 147 -15.55 -37.81 -30.63
CA GLY E 147 -14.57 -36.97 -29.97
C GLY E 147 -13.16 -37.19 -30.48
N CYS E 148 -12.21 -36.54 -29.78
CA CYS E 148 -10.80 -36.67 -30.06
C CYS E 148 -10.04 -36.88 -28.76
N LEU E 149 -9.11 -37.84 -28.79
CA LEU E 149 -8.24 -38.13 -27.66
C LEU E 149 -6.89 -37.44 -27.91
N VAL E 150 -6.52 -36.52 -27.02
CA VAL E 150 -5.32 -35.72 -27.17
C VAL E 150 -4.34 -36.17 -26.11
N LYS E 151 -3.31 -36.90 -26.51
CA LYS E 151 -2.51 -37.71 -25.60
C LYS E 151 -1.05 -37.25 -25.57
N ASP E 152 -0.48 -37.19 -24.37
CA ASP E 152 0.95 -37.05 -24.13
C ASP E 152 1.53 -35.73 -24.62
N TYR E 153 1.26 -34.65 -23.89
CA TYR E 153 1.82 -33.35 -24.19
C TYR E 153 2.25 -32.66 -22.91
N PHE E 154 3.16 -31.70 -23.06
CA PHE E 154 3.67 -30.91 -21.97
C PHE E 154 4.12 -29.58 -22.54
N PRO E 155 3.76 -28.44 -21.91
CA PRO E 155 2.89 -28.37 -20.75
C PRO E 155 1.43 -28.14 -21.14
N GLU E 156 0.60 -27.81 -20.17
CA GLU E 156 -0.72 -27.28 -20.45
C GLU E 156 -0.58 -25.82 -20.89
N PRO E 157 -1.59 -25.29 -21.60
CA PRO E 157 -2.81 -25.96 -22.04
C PRO E 157 -2.75 -26.34 -23.51
N VAL E 158 -3.74 -27.10 -23.93
CA VAL E 158 -3.96 -27.39 -25.34
C VAL E 158 -5.33 -26.85 -25.70
N THR E 159 -5.44 -26.27 -26.88
CA THR E 159 -6.67 -25.66 -27.34
C THR E 159 -7.37 -26.62 -28.30
N VAL E 160 -8.63 -26.91 -28.03
CA VAL E 160 -9.44 -27.77 -28.88
C VAL E 160 -10.67 -27.00 -29.34
N SER E 161 -10.88 -26.97 -30.65
CA SER E 161 -12.11 -26.46 -31.22
C SER E 161 -12.64 -27.51 -32.17
N TRP E 162 -13.86 -27.30 -32.66
CA TRP E 162 -14.49 -28.24 -33.57
C TRP E 162 -14.98 -27.49 -34.80
N ASN E 163 -14.63 -28.00 -35.97
CA ASN E 163 -14.93 -27.36 -37.25
C ASN E 163 -14.54 -25.89 -37.20
N SER E 164 -13.29 -25.64 -36.79
CA SER E 164 -12.72 -24.29 -36.72
C SER E 164 -13.55 -23.36 -35.85
N GLY E 165 -14.20 -23.91 -34.83
CA GLY E 165 -14.97 -23.12 -33.90
C GLY E 165 -16.43 -22.95 -34.25
N ALA E 166 -16.88 -23.50 -35.37
CA ALA E 166 -18.29 -23.38 -35.75
C ALA E 166 -19.19 -24.32 -34.94
N LEU E 167 -18.63 -25.41 -34.40
CA LEU E 167 -19.36 -26.35 -33.58
C LEU E 167 -18.94 -26.18 -32.12
N THR E 168 -19.84 -25.64 -31.30
CA THR E 168 -19.53 -25.41 -29.88
C THR E 168 -20.61 -26.02 -28.99
N SER E 169 -21.85 -26.08 -29.48
CA SER E 169 -22.94 -26.62 -28.66
C SER E 169 -22.73 -28.12 -28.42
N GLY E 170 -22.87 -28.53 -27.15
CA GLY E 170 -22.70 -29.92 -26.82
C GLY E 170 -21.27 -30.41 -26.81
N VAL E 171 -20.31 -29.50 -26.80
CA VAL E 171 -18.90 -29.88 -26.74
C VAL E 171 -18.48 -29.96 -25.28
N HIS E 172 -17.80 -31.04 -24.91
CA HIS E 172 -17.17 -31.16 -23.62
C HIS E 172 -15.70 -31.45 -23.83
N THR E 173 -14.84 -30.51 -23.43
CA THR E 173 -13.40 -30.70 -23.45
C THR E 173 -12.98 -30.91 -22.01
N PHE E 174 -12.53 -32.12 -21.69
CA PHE E 174 -12.31 -32.46 -20.30
C PHE E 174 -11.00 -31.86 -19.79
N PRO E 175 -10.97 -31.46 -18.51
CA PRO E 175 -9.69 -31.10 -17.89
C PRO E 175 -8.66 -32.20 -18.11
N ALA E 176 -7.43 -31.79 -18.38
CA ALA E 176 -6.39 -32.78 -18.62
C ALA E 176 -6.13 -33.60 -17.35
N VAL E 177 -5.65 -34.83 -17.55
CA VAL E 177 -5.17 -35.64 -16.44
C VAL E 177 -3.66 -35.76 -16.61
N LEU E 178 -2.98 -35.95 -15.48
CA LEU E 178 -1.54 -36.16 -15.47
C LEU E 178 -1.26 -37.66 -15.50
N GLN E 179 -0.52 -38.11 -16.51
CA GLN E 179 -0.18 -39.51 -16.62
C GLN E 179 1.05 -39.83 -15.79
N SER E 180 1.30 -41.13 -15.59
CA SER E 180 2.47 -41.56 -14.84
C SER E 180 3.77 -41.13 -15.48
N SER E 181 3.74 -40.81 -16.78
CA SER E 181 4.92 -40.29 -17.47
C SER E 181 5.23 -38.85 -17.11
N GLY E 182 4.33 -38.14 -16.42
CA GLY E 182 4.49 -36.72 -16.25
C GLY E 182 3.91 -35.91 -17.38
N LEU E 183 3.40 -36.56 -18.43
CA LEU E 183 2.75 -35.88 -19.53
C LEU E 183 1.24 -35.80 -19.27
N TYR E 184 0.56 -34.96 -20.03
CA TYR E 184 -0.86 -34.71 -19.89
C TYR E 184 -1.66 -35.39 -20.99
N SER E 185 -2.94 -35.64 -20.69
CA SER E 185 -3.85 -36.16 -21.69
C SER E 185 -5.25 -35.63 -21.39
N LEU E 186 -6.01 -35.37 -22.46
CA LEU E 186 -7.42 -35.01 -22.31
C LEU E 186 -8.19 -35.58 -23.49
N SER E 187 -9.52 -35.54 -23.36
CA SER E 187 -10.42 -35.86 -24.45
C SER E 187 -11.37 -34.68 -24.65
N SER E 188 -11.81 -34.50 -25.90
CA SER E 188 -12.86 -33.56 -26.22
C SER E 188 -13.93 -34.33 -26.98
N VAL E 189 -15.18 -34.20 -26.53
CA VAL E 189 -16.29 -34.95 -27.10
C VAL E 189 -17.41 -33.99 -27.46
N VAL E 190 -18.28 -34.44 -28.37
CA VAL E 190 -19.44 -33.67 -28.79
C VAL E 190 -20.58 -34.64 -29.06
N THR E 191 -21.80 -34.23 -28.71
CA THR E 191 -23.00 -34.99 -29.01
C THR E 191 -23.69 -34.36 -30.20
N VAL E 192 -24.05 -35.17 -31.18
CA VAL E 192 -24.61 -34.69 -32.45
C VAL E 192 -25.79 -35.58 -32.83
N PRO E 193 -26.61 -35.20 -33.83
CA PRO E 193 -27.65 -36.11 -34.30
C PRO E 193 -27.04 -37.36 -34.92
N SER E 194 -27.64 -38.51 -34.60
CA SER E 194 -27.18 -39.74 -35.23
C SER E 194 -27.49 -39.75 -36.72
N SER E 195 -28.55 -39.06 -37.13
CA SER E 195 -28.92 -38.99 -38.54
C SER E 195 -27.96 -38.12 -39.35
N SER E 196 -27.13 -37.32 -38.69
CA SER E 196 -26.24 -36.39 -39.37
C SER E 196 -24.89 -36.98 -39.73
N LEU E 197 -24.61 -38.23 -39.35
CA LEU E 197 -23.27 -38.78 -39.52
C LEU E 197 -22.91 -38.99 -40.99
N GLY E 198 -23.91 -39.13 -41.86
CA GLY E 198 -23.64 -39.27 -43.28
C GLY E 198 -23.42 -37.96 -44.00
N THR E 199 -24.03 -36.87 -43.53
CA THR E 199 -23.99 -35.60 -44.25
C THR E 199 -23.08 -34.55 -43.63
N GLN E 200 -22.86 -34.59 -42.31
CA GLN E 200 -22.05 -33.58 -41.66
C GLN E 200 -20.61 -34.05 -41.51
N THR E 201 -19.69 -33.10 -41.48
CA THR E 201 -18.27 -33.36 -41.28
C THR E 201 -17.88 -32.80 -39.91
N TYR E 202 -17.17 -33.62 -39.13
CA TYR E 202 -16.74 -33.22 -37.79
C TYR E 202 -15.22 -33.31 -37.70
N ILE E 203 -14.58 -32.17 -37.52
CA ILE E 203 -13.12 -32.09 -37.43
C ILE E 203 -12.76 -31.42 -36.12
N CYS E 204 -11.93 -32.09 -35.32
CA CYS E 204 -11.40 -31.50 -34.11
C CYS E 204 -10.10 -30.79 -34.44
N ASN E 205 -9.97 -29.56 -33.98
CA ASN E 205 -8.80 -28.73 -34.25
C ASN E 205 -8.01 -28.63 -32.95
N VAL E 206 -6.80 -29.18 -32.95
CA VAL E 206 -5.95 -29.27 -31.77
C VAL E 206 -4.75 -28.36 -31.98
N ASN E 207 -4.62 -27.35 -31.13
CA ASN E 207 -3.54 -26.38 -31.19
C ASN E 207 -2.80 -26.41 -29.87
N HIS E 208 -1.56 -26.87 -29.88
CA HIS E 208 -0.69 -26.86 -28.70
C HIS E 208 0.40 -25.84 -28.96
N LYS E 209 0.19 -24.63 -28.47
CA LYS E 209 1.04 -23.49 -28.78
C LYS E 209 2.46 -23.60 -28.22
N PRO E 210 2.68 -24.15 -27.01
CA PRO E 210 4.07 -24.29 -26.53
C PRO E 210 4.96 -25.09 -27.45
N SER E 211 4.44 -26.06 -28.19
CA SER E 211 5.24 -26.84 -29.12
C SER E 211 4.96 -26.51 -30.59
N ASN E 212 4.12 -25.52 -30.86
CA ASN E 212 3.73 -25.15 -32.23
C ASN E 212 3.17 -26.36 -32.98
N THR E 213 2.25 -27.06 -32.33
CA THR E 213 1.63 -28.25 -32.88
C THR E 213 0.18 -27.94 -33.21
N LYS E 214 -0.17 -28.04 -34.48
CA LYS E 214 -1.54 -27.86 -34.95
C LYS E 214 -1.97 -29.10 -35.71
N VAL E 215 -3.04 -29.73 -35.24
CA VAL E 215 -3.53 -30.97 -35.80
C VAL E 215 -5.01 -30.81 -36.10
N ASP E 216 -5.43 -31.24 -37.28
CA ASP E 216 -6.83 -31.35 -37.65
C ASP E 216 -7.12 -32.81 -37.91
N LYS E 217 -8.11 -33.36 -37.20
CA LYS E 217 -8.50 -34.76 -37.34
C LYS E 217 -9.99 -34.81 -37.71
N LYS E 218 -10.28 -35.46 -38.83
CA LYS E 218 -11.65 -35.73 -39.21
C LYS E 218 -12.10 -36.99 -38.49
N VAL E 219 -13.15 -36.87 -37.67
CA VAL E 219 -13.69 -37.98 -36.92
C VAL E 219 -14.84 -38.56 -37.72
N GLU E 220 -14.64 -39.76 -38.25
CA GLU E 220 -15.62 -40.44 -39.08
C GLU E 220 -16.19 -41.67 -38.38
N PRO E 221 -17.41 -42.07 -38.71
CA PRO E 221 -18.00 -43.26 -38.07
C PRO E 221 -17.22 -44.52 -38.46
N LYS E 222 -17.31 -45.51 -37.59
CA LYS E 222 -16.72 -46.81 -37.90
C LYS E 222 -17.65 -47.64 -38.77
N ASP F 2 -8.83 13.52 -20.85
CA ASP F 2 -8.06 12.67 -21.76
C ASP F 2 -7.20 11.65 -21.00
N ARG F 3 -6.83 11.99 -19.77
CA ARG F 3 -5.91 11.15 -19.01
C ARG F 3 -6.67 10.06 -18.25
N ALA F 4 -5.93 9.02 -17.88
CA ALA F 4 -6.50 7.89 -17.17
C ALA F 4 -6.63 8.20 -15.68
N ALA F 5 -7.76 7.79 -15.09
CA ALA F 5 -7.96 7.77 -13.66
C ALA F 5 -8.43 6.38 -13.26
N GLY F 6 -8.47 6.13 -11.96
CA GLY F 6 -8.86 4.81 -11.50
C GLY F 6 -9.09 4.80 -10.01
N GLN F 7 -9.55 3.65 -9.52
CA GLN F 7 -9.82 3.52 -8.10
C GLN F 7 -8.54 3.74 -7.30
N PRO F 8 -8.65 4.31 -6.10
CA PRO F 8 -7.45 4.75 -5.37
C PRO F 8 -6.46 3.65 -5.05
N ALA F 9 -6.88 2.39 -5.01
CA ALA F 9 -5.98 1.30 -4.68
C ALA F 9 -4.86 1.11 -5.70
N GLY F 10 -4.95 1.76 -6.87
CA GLY F 10 -3.89 1.68 -7.86
C GLY F 10 -2.58 2.30 -7.40
N ASN F 11 -2.65 3.30 -6.51
CA ASN F 11 -1.45 3.91 -5.95
C ASN F 11 -1.77 4.65 -4.66
#